data_7EJ3
#
_entry.id   7EJ3
#
_cell.length_a   115.152
_cell.length_b   115.152
_cell.length_c   283.489
_cell.angle_alpha   90.000
_cell.angle_beta   90.000
_cell.angle_gamma   120.000
#
_symmetry.space_group_name_H-M   'P 61 2 2'
#
loop_
_entity.id
_entity.type
_entity.pdbx_description
1 polymer 'GTP cyclohydrolase II'
2 non-polymer 'ZINC ION'
3 non-polymer DIPHOSPHATE
4 non-polymer GLYCINE
5 water water
#
_entity_poly.entity_id   1
_entity_poly.type   'polypeptide(L)'
_entity_poly.pdbx_seq_one_letter_code
;MSAESVAATPESAGGHIRLTSHSGGVGALPIHWGAPTASERGPVVGTTTNRAHRNVIGTHSGSYSIYRALAVASGALSRH
HKADLTDTAPTNIIGPYPQWSQPGKIVSLDPWGATVAEVFAAELAAGHDIRPSIAVTKAHVILPEVMEAIQKGRLHPDGR
FLLPSGAALVTKAAIEPVWHLPGVAERFHCSETDLRRVLFEETGGMYPELVTRSDLEVFLPPIGGQTVYIFGDARDLADP
GVELTARVHDECNGSDVFGSDICTCRPYLTHAIEECIQGAQRGGVGLVAYSRKEGRALGEVTKFLVYNARKRQVGGDTAD
QYFARTECVAGVQDMRFQEMMPDVLHWLGVRKIHRLVSMSNMKYDAITGSGIEVVERVDLPADLIPADARVEIDAKMAAG
YFTPGAVPDADELAKVKGRELDG
;
_entity_poly.pdbx_strand_id   A,B
#
loop_
_chem_comp.id
_chem_comp.type
_chem_comp.name
_chem_comp.formula
DPO non-polymer DIPHOSPHATE 'O7 P2 -4'
ZN non-polymer 'ZINC ION' 'Zn 2'
#
# COMPACT_ATOMS: atom_id res chain seq x y z
N GLY A 25 35.88 13.48 -10.13
CA GLY A 25 35.83 12.21 -9.43
C GLY A 25 35.62 11.04 -10.38
N VAL A 26 34.90 10.03 -9.93
CA VAL A 26 34.63 8.88 -10.78
C VAL A 26 33.24 9.08 -11.39
N GLY A 27 33.04 8.51 -12.57
CA GLY A 27 31.76 8.56 -13.24
C GLY A 27 30.82 7.45 -12.78
N ALA A 28 29.75 7.27 -13.54
CA ALA A 28 28.73 6.31 -13.18
C ALA A 28 29.15 4.89 -13.58
N LEU A 29 28.98 3.95 -12.65
CA LEU A 29 29.35 2.58 -12.95
C LEU A 29 28.37 1.98 -13.97
N PRO A 30 28.85 1.20 -14.92
CA PRO A 30 27.94 0.59 -15.88
C PRO A 30 27.16 -0.55 -15.23
N ILE A 31 25.98 -0.81 -15.79
CA ILE A 31 25.14 -1.93 -15.40
C ILE A 31 25.03 -2.88 -16.57
N HIS A 32 25.33 -4.15 -16.32
CA HIS A 32 25.21 -5.21 -17.32
C HIS A 32 24.19 -6.19 -16.76
N TRP A 33 22.93 -5.97 -17.12
CA TRP A 33 21.86 -6.73 -16.47
C TRP A 33 21.99 -8.22 -16.76
N GLY A 34 21.78 -9.02 -15.73
CA GLY A 34 21.86 -10.46 -15.86
C GLY A 34 23.25 -11.04 -15.85
N ALA A 35 24.28 -10.23 -15.57
CA ALA A 35 25.63 -10.77 -15.57
C ALA A 35 25.79 -11.81 -14.47
N PRO A 36 26.74 -12.74 -14.62
CA PRO A 36 26.86 -13.85 -13.67
C PRO A 36 27.49 -13.49 -12.34
N THR A 37 28.16 -12.36 -12.21
CA THR A 37 28.74 -11.95 -10.93
C THR A 37 28.27 -10.55 -10.61
N ALA A 38 28.20 -10.24 -9.32
CA ALA A 38 27.80 -8.89 -8.91
C ALA A 38 28.75 -7.85 -9.49
N SER A 39 30.05 -8.14 -9.49
CA SER A 39 31.01 -7.17 -9.97
C SER A 39 30.75 -6.81 -11.42
N GLU A 40 30.47 -7.82 -12.25
CA GLU A 40 30.19 -7.52 -13.65
C GLU A 40 28.81 -6.91 -13.82
N ARG A 41 27.83 -7.30 -13.01
CA ARG A 41 26.49 -6.73 -13.13
C ARG A 41 26.51 -5.24 -12.85
N GLY A 42 27.24 -4.84 -11.80
CA GLY A 42 27.29 -3.46 -11.38
C GLY A 42 26.16 -3.11 -10.43
N PRO A 43 26.41 -2.15 -9.54
CA PRO A 43 25.38 -1.76 -8.56
C PRO A 43 24.37 -0.80 -9.16
N VAL A 44 23.14 -0.93 -8.69
CA VAL A 44 22.10 0.05 -8.95
C VAL A 44 22.36 1.23 -8.04
N VAL A 45 22.69 2.38 -8.62
CA VAL A 45 22.97 3.61 -7.87
C VAL A 45 21.81 4.57 -8.15
N GLY A 46 20.85 4.58 -7.25
CA GLY A 46 19.63 5.33 -7.43
C GLY A 46 19.45 6.42 -6.39
N THR A 47 20.50 6.65 -5.60
CA THR A 47 20.56 7.76 -4.66
C THR A 47 20.81 9.07 -5.38
N THR A 48 20.73 10.18 -4.65
CA THR A 48 20.91 11.50 -5.24
C THR A 48 22.02 12.29 -4.56
N THR A 49 22.81 11.64 -3.71
CA THR A 49 23.90 12.36 -3.02
C THR A 49 25.01 12.76 -3.97
N ASN A 50 25.20 12.01 -5.06
CA ASN A 50 26.17 12.37 -6.10
C ASN A 50 25.50 12.11 -7.44
N ARG A 51 25.07 13.19 -8.11
CA ARG A 51 24.36 13.02 -9.38
C ARG A 51 25.23 12.30 -10.41
N ALA A 52 26.55 12.51 -10.35
CA ALA A 52 27.45 11.92 -11.32
C ALA A 52 27.53 10.40 -11.22
N HIS A 53 27.14 9.83 -10.08
CA HIS A 53 27.18 8.39 -9.90
C HIS A 53 25.89 7.69 -10.31
N ARG A 54 24.82 8.44 -10.53
CA ARG A 54 23.54 7.80 -10.83
C ARG A 54 23.61 7.05 -12.14
N ASN A 55 23.12 5.82 -12.14
CA ASN A 55 23.12 5.00 -13.35
C ASN A 55 21.76 4.40 -13.62
N VAL A 56 20.69 5.01 -13.07
CA VAL A 56 19.32 4.55 -13.26
C VAL A 56 18.42 5.77 -13.39
N ILE A 57 17.18 5.53 -13.79
CA ILE A 57 16.10 6.52 -13.75
C ILE A 57 15.31 6.27 -12.49
N GLY A 58 15.01 7.34 -11.74
CA GLY A 58 14.22 7.21 -10.53
C GLY A 58 15.04 7.05 -9.28
N THR A 59 14.32 6.81 -8.16
CA THR A 59 14.93 6.73 -6.84
C THR A 59 14.32 5.58 -6.06
N HIS A 60 14.94 5.27 -4.93
CA HIS A 60 14.56 4.12 -4.13
C HIS A 60 13.29 4.38 -3.30
N SER A 61 12.74 3.28 -2.79
CA SER A 61 11.67 3.21 -1.79
C SER A 61 10.29 3.39 -2.39
N GLY A 62 10.13 3.23 -3.70
CA GLY A 62 8.79 3.28 -4.29
C GLY A 62 8.19 4.66 -4.15
N SER A 63 6.92 4.71 -3.71
CA SER A 63 6.28 6.00 -3.55
C SER A 63 6.95 6.86 -2.49
N TYR A 64 7.75 6.27 -1.61
CA TYR A 64 8.18 7.01 -0.44
C TYR A 64 9.34 7.96 -0.71
N SER A 65 9.84 8.02 -1.96
CA SER A 65 10.78 9.09 -2.29
C SER A 65 10.13 10.47 -2.14
N ILE A 66 8.82 10.56 -2.33
CA ILE A 66 8.13 11.83 -2.15
C ILE A 66 8.21 12.29 -0.69
N TYR A 67 8.06 11.36 0.25
CA TYR A 67 8.18 11.73 1.65
C TYR A 67 9.62 12.07 2.01
N ARG A 68 10.60 11.40 1.40
CA ARG A 68 11.98 11.80 1.61
C ARG A 68 12.18 13.25 1.16
N ALA A 69 11.58 13.63 0.04
CA ALA A 69 11.70 15.01 -0.44
C ALA A 69 11.11 16.00 0.58
N LEU A 70 9.94 15.69 1.15
CA LEU A 70 9.40 16.57 2.18
C LEU A 70 10.35 16.69 3.35
N ALA A 71 10.99 15.59 3.73
CA ALA A 71 11.91 15.62 4.85
C ALA A 71 13.10 16.51 4.55
N VAL A 72 13.61 16.47 3.31
CA VAL A 72 14.71 17.37 2.95
C VAL A 72 14.22 18.81 2.89
N ALA A 73 13.04 19.03 2.27
CA ALA A 73 12.55 20.39 2.09
C ALA A 73 12.28 21.08 3.43
N SER A 74 11.80 20.33 4.41
CA SER A 74 11.47 20.90 5.71
C SER A 74 12.69 21.04 6.63
N GLY A 75 13.86 20.58 6.22
CA GLY A 75 15.05 20.67 7.03
C GLY A 75 15.26 19.52 7.99
N ALA A 76 14.37 18.53 7.99
CA ALA A 76 14.51 17.41 8.92
C ALA A 76 15.63 16.47 8.50
N LEU A 77 15.86 16.32 7.20
CA LEU A 77 16.83 15.36 6.67
C LEU A 77 17.82 16.11 5.79
N SER A 78 19.10 15.83 5.97
CA SER A 78 20.11 16.40 5.11
C SER A 78 20.12 15.69 3.76
N ARG A 79 20.19 16.48 2.68
CA ARG A 79 20.30 15.88 1.36
C ARG A 79 21.60 15.12 1.17
N HIS A 80 22.52 15.22 2.13
CA HIS A 80 23.78 14.51 2.07
C HIS A 80 23.76 13.20 2.82
N HIS A 81 22.65 12.88 3.49
CA HIS A 81 22.63 11.69 4.33
C HIS A 81 22.77 10.42 3.51
N LYS A 82 23.59 9.50 4.02
CA LYS A 82 23.80 8.16 3.50
C LYS A 82 23.52 7.16 4.61
N ALA A 83 22.89 6.04 4.27
CA ALA A 83 22.52 5.06 5.28
C ALA A 83 23.76 4.45 5.94
N ASP A 84 23.64 4.18 7.23
CA ASP A 84 24.59 3.29 7.91
C ASP A 84 23.98 1.90 7.88
N LEU A 85 24.55 1.02 7.06
CA LEU A 85 24.00 -0.32 6.87
C LEU A 85 24.51 -1.33 7.89
N THR A 86 25.26 -0.88 8.89
CA THR A 86 25.78 -1.78 9.91
C THR A 86 24.67 -2.65 10.46
N ASP A 87 24.91 -3.97 10.47
CA ASP A 87 24.04 -4.96 11.09
C ASP A 87 22.70 -5.12 10.39
N THR A 88 22.54 -4.61 9.16
CA THR A 88 21.25 -4.71 8.48
C THR A 88 21.16 -5.89 7.53
N ALA A 89 22.25 -6.64 7.33
CA ALA A 89 22.30 -7.66 6.28
C ALA A 89 21.25 -8.76 6.50
N PRO A 90 20.93 -9.51 5.44
CA PRO A 90 19.86 -10.52 5.54
C PRO A 90 20.07 -11.49 6.69
N THR A 91 18.96 -11.87 7.33
CA THR A 91 18.97 -12.92 8.34
C THR A 91 19.13 -14.30 7.73
N ASN A 92 18.83 -14.43 6.44
CA ASN A 92 18.87 -15.69 5.73
C ASN A 92 19.53 -15.47 4.38
N ILE A 93 20.40 -16.40 3.99
CA ILE A 93 21.10 -16.30 2.72
C ILE A 93 20.17 -16.76 1.60
N ILE A 94 19.87 -15.86 0.66
CA ILE A 94 19.03 -16.20 -0.48
C ILE A 94 19.90 -16.08 -1.71
N GLY A 95 20.19 -17.21 -2.35
CA GLY A 95 20.99 -17.21 -3.55
C GLY A 95 22.46 -16.91 -3.27
N PRO A 96 23.23 -16.59 -4.32
CA PRO A 96 22.80 -16.49 -5.71
C PRO A 96 22.32 -17.81 -6.29
N TYR A 97 21.45 -17.74 -7.28
CA TYR A 97 20.95 -18.89 -7.99
C TYR A 97 21.15 -18.70 -9.49
N PRO A 98 21.11 -19.78 -10.27
CA PRO A 98 21.30 -19.66 -11.72
C PRO A 98 20.34 -18.69 -12.38
N GLN A 99 19.11 -18.59 -11.87
CA GLN A 99 18.12 -17.69 -12.47
C GLN A 99 18.59 -16.25 -12.42
N TRP A 100 19.44 -15.89 -11.45
CA TRP A 100 19.89 -14.51 -11.33
C TRP A 100 20.69 -14.03 -12.53
N SER A 101 21.25 -14.96 -13.32
CA SER A 101 22.08 -14.57 -14.45
C SER A 101 21.60 -15.18 -15.76
N GLN A 102 20.36 -15.63 -15.80
CA GLN A 102 19.75 -16.11 -17.03
C GLN A 102 19.15 -14.92 -17.76
N PRO A 103 19.52 -14.67 -19.02
CA PRO A 103 19.04 -13.46 -19.70
C PRO A 103 17.52 -13.44 -19.75
N GLY A 104 16.95 -12.30 -19.35
CA GLY A 104 15.52 -12.05 -19.41
C GLY A 104 14.69 -12.75 -18.36
N LYS A 105 15.30 -13.48 -17.43
CA LYS A 105 14.52 -14.24 -16.47
C LYS A 105 13.99 -13.36 -15.35
N ILE A 106 14.81 -12.44 -14.83
CA ILE A 106 14.42 -11.55 -13.75
C ILE A 106 14.62 -10.13 -14.25
N VAL A 107 13.53 -9.40 -14.44
CA VAL A 107 13.57 -8.07 -15.06
C VAL A 107 12.91 -7.00 -14.21
N SER A 108 12.29 -7.35 -13.07
CA SER A 108 11.52 -6.37 -12.31
C SER A 108 11.98 -6.23 -10.85
N LEU A 109 13.06 -6.92 -10.46
CA LEU A 109 13.71 -6.69 -9.20
C LEU A 109 15.20 -6.90 -9.42
N ASP A 110 16.01 -6.38 -8.49
CA ASP A 110 17.46 -6.52 -8.56
C ASP A 110 17.87 -7.76 -7.77
N PRO A 111 18.33 -8.84 -8.42
CA PRO A 111 18.69 -10.05 -7.66
C PRO A 111 19.74 -9.80 -6.60
N TRP A 112 20.64 -8.84 -6.81
CA TRP A 112 21.68 -8.51 -5.86
C TRP A 112 21.24 -7.48 -4.83
N GLY A 113 19.95 -7.09 -4.85
CA GLY A 113 19.51 -5.94 -4.08
C GLY A 113 19.49 -6.14 -2.58
N ALA A 114 19.54 -7.38 -2.10
CA ALA A 114 19.57 -7.63 -0.66
C ALA A 114 20.99 -7.66 -0.12
N THR A 115 22.00 -7.83 -0.97
CA THR A 115 23.33 -8.12 -0.49
C THR A 115 24.34 -7.06 -0.91
N VAL A 116 23.87 -5.82 -1.18
CA VAL A 116 24.75 -4.79 -1.71
C VAL A 116 25.92 -4.51 -0.77
N ALA A 117 25.68 -4.52 0.56
CA ALA A 117 26.77 -4.21 1.48
C ALA A 117 27.90 -5.22 1.35
N GLU A 118 27.56 -6.48 1.06
CA GLU A 118 28.54 -7.53 0.87
C GLU A 118 29.17 -7.48 -0.51
N VAL A 119 28.34 -7.51 -1.56
CA VAL A 119 28.88 -7.73 -2.91
C VAL A 119 29.36 -6.44 -3.57
N PHE A 120 28.95 -5.27 -3.07
CA PHE A 120 29.43 -3.98 -3.57
C PHE A 120 30.21 -3.21 -2.51
N ALA A 121 30.89 -3.94 -1.63
CA ALA A 121 31.65 -3.28 -0.56
C ALA A 121 32.71 -2.35 -1.12
N ALA A 122 33.40 -2.77 -2.19
CA ALA A 122 34.44 -1.93 -2.77
C ALA A 122 33.85 -0.66 -3.38
N GLU A 123 32.72 -0.79 -4.08
CA GLU A 123 32.08 0.37 -4.68
C GLU A 123 31.56 1.35 -3.62
N LEU A 124 30.96 0.83 -2.55
CA LEU A 124 30.55 1.68 -1.43
C LEU A 124 31.74 2.44 -0.87
N ALA A 125 32.85 1.75 -0.65
CA ALA A 125 34.03 2.39 -0.08
C ALA A 125 34.61 3.43 -1.03
N ALA A 126 34.43 3.25 -2.33
CA ALA A 126 34.92 4.21 -3.33
C ALA A 126 34.05 5.46 -3.41
N GLY A 127 32.92 5.49 -2.71
CA GLY A 127 32.08 6.66 -2.68
C GLY A 127 30.78 6.55 -3.44
N HIS A 128 30.45 5.37 -3.97
CA HIS A 128 29.13 5.19 -4.59
C HIS A 128 28.11 4.90 -3.51
N ASP A 129 27.08 5.74 -3.44
CA ASP A 129 26.05 5.65 -2.42
C ASP A 129 25.00 4.66 -2.92
N ILE A 130 25.09 3.42 -2.47
CA ILE A 130 24.29 2.31 -2.99
C ILE A 130 23.36 1.87 -1.87
N ARG A 131 22.05 1.88 -2.16
CA ARG A 131 21.05 1.45 -1.20
C ARG A 131 20.59 0.04 -1.48
N PRO A 132 20.30 -0.77 -0.47
CA PRO A 132 19.62 -2.04 -0.72
C PRO A 132 18.23 -1.78 -1.27
N SER A 133 17.78 -2.63 -2.19
CA SER A 133 16.39 -2.62 -2.63
C SER A 133 15.62 -3.81 -2.08
N ILE A 134 16.26 -4.65 -1.27
CA ILE A 134 15.64 -5.81 -0.63
C ILE A 134 16.17 -5.90 0.80
N ALA A 135 15.30 -6.25 1.74
CA ALA A 135 15.71 -6.48 3.12
C ALA A 135 15.09 -7.79 3.59
N VAL A 136 15.87 -8.57 4.36
CA VAL A 136 15.45 -9.91 4.77
C VAL A 136 15.58 -10.00 6.29
N THR A 137 14.46 -10.27 6.98
CA THR A 137 14.47 -10.35 8.43
C THR A 137 13.59 -11.53 8.85
N LYS A 138 13.35 -11.64 10.17
CA LYS A 138 12.53 -12.70 10.72
C LYS A 138 11.38 -12.10 11.53
N ALA A 139 10.33 -12.88 11.75
CA ALA A 139 9.21 -12.42 12.54
C ALA A 139 8.46 -13.62 13.12
N HIS A 140 7.66 -13.33 14.15
CA HIS A 140 6.61 -14.22 14.63
C HIS A 140 5.30 -13.59 14.19
N VAL A 141 4.56 -14.25 13.30
CA VAL A 141 3.29 -13.70 12.82
C VAL A 141 2.16 -14.45 13.52
N ILE A 142 1.23 -13.68 14.11
CA ILE A 142 0.13 -14.26 14.87
C ILE A 142 -1.16 -13.81 14.20
N LEU A 143 -1.78 -14.71 13.46
CA LEU A 143 -3.03 -14.39 12.78
C LEU A 143 -4.20 -15.02 13.51
N PRO A 144 -5.28 -14.27 13.67
CA PRO A 144 -6.45 -14.83 14.39
C PRO A 144 -6.94 -16.11 13.76
N GLU A 145 -6.88 -16.21 12.43
CA GLU A 145 -7.36 -17.41 11.76
C GLU A 145 -6.50 -18.62 12.12
N VAL A 146 -5.20 -18.40 12.35
CA VAL A 146 -4.34 -19.50 12.73
C VAL A 146 -4.62 -19.91 14.18
N MET A 147 -4.81 -18.93 15.06
CA MET A 147 -5.21 -19.28 16.43
C MET A 147 -6.50 -20.09 16.42
N GLU A 148 -7.48 -19.70 15.58
CA GLU A 148 -8.72 -20.47 15.53
C GLU A 148 -8.47 -21.86 14.94
N ALA A 149 -7.58 -21.96 13.94
CA ALA A 149 -7.22 -23.27 13.41
C ALA A 149 -6.71 -24.18 14.51
N ILE A 150 -5.89 -23.64 15.42
CA ILE A 150 -5.41 -24.42 16.55
C ILE A 150 -6.57 -24.81 17.47
N GLN A 151 -7.41 -23.83 17.82
CA GLN A 151 -8.52 -24.10 18.74
C GLN A 151 -9.44 -25.16 18.18
N LYS A 152 -9.64 -25.19 16.86
CA LYS A 152 -10.50 -26.16 16.20
C LYS A 152 -9.80 -27.48 15.90
N GLY A 153 -8.51 -27.61 16.22
CA GLY A 153 -7.78 -28.84 15.98
C GLY A 153 -7.32 -29.07 14.56
N ARG A 154 -7.38 -28.06 13.70
CA ARG A 154 -6.82 -28.17 12.35
C ARG A 154 -5.31 -28.03 12.35
N LEU A 155 -4.78 -27.24 13.26
CA LEU A 155 -3.34 -27.05 13.39
C LEU A 155 -2.93 -27.46 14.80
N HIS A 156 -1.71 -27.98 14.90
CA HIS A 156 -1.17 -28.46 16.16
C HIS A 156 0.21 -27.84 16.34
N PRO A 157 0.42 -27.00 17.35
CA PRO A 157 1.75 -26.41 17.55
C PRO A 157 2.81 -27.48 17.69
N ASP A 158 3.97 -27.23 17.08
CA ASP A 158 5.08 -28.15 17.11
C ASP A 158 6.32 -27.60 17.83
N GLY A 159 6.36 -26.30 18.15
CA GLY A 159 7.44 -25.68 18.87
C GLY A 159 8.54 -25.07 18.02
N ARG A 160 8.56 -25.37 16.73
CA ARG A 160 9.58 -24.87 15.81
C ARG A 160 8.99 -24.00 14.72
N PHE A 161 7.95 -24.47 14.04
CA PHE A 161 7.27 -23.65 13.02
C PHE A 161 6.05 -22.93 13.56
N LEU A 162 5.29 -23.58 14.46
CA LEU A 162 4.07 -23.03 15.02
C LEU A 162 4.16 -23.17 16.53
N LEU A 163 3.98 -22.07 17.27
CA LEU A 163 4.03 -22.08 18.72
C LEU A 163 2.62 -22.20 19.31
N PRO A 164 2.50 -22.62 20.57
CA PRO A 164 1.16 -22.75 21.18
C PRO A 164 0.39 -21.44 21.22
N SER A 165 1.11 -20.30 21.21
CA SER A 165 0.49 -18.99 21.16
C SER A 165 -0.20 -18.70 19.83
N GLY A 166 -0.01 -19.57 18.83
CA GLY A 166 -0.47 -19.30 17.49
C GLY A 166 0.57 -18.65 16.62
N ALA A 167 1.71 -18.25 17.18
CA ALA A 167 2.74 -17.59 16.38
C ALA A 167 3.37 -18.57 15.40
N ALA A 168 3.52 -18.14 14.16
CA ALA A 168 4.29 -18.86 13.16
C ALA A 168 5.61 -18.15 12.94
N LEU A 169 6.71 -18.90 12.96
CA LEU A 169 8.02 -18.32 12.73
C LEU A 169 8.26 -18.22 11.24
N VAL A 170 8.60 -17.02 10.76
CA VAL A 170 8.80 -16.80 9.33
C VAL A 170 10.08 -16.03 9.09
N THR A 171 10.62 -16.21 7.89
CA THR A 171 11.53 -15.26 7.27
C THR A 171 10.71 -14.37 6.36
N LYS A 172 10.95 -13.06 6.40
CA LYS A 172 10.23 -12.20 5.48
C LYS A 172 11.20 -11.28 4.75
N ALA A 173 10.93 -11.05 3.47
CA ALA A 173 11.78 -10.19 2.65
C ALA A 173 10.91 -9.15 1.98
N ALA A 174 11.27 -7.88 2.17
CA ALA A 174 10.66 -6.77 1.46
C ALA A 174 11.46 -6.51 0.20
N ILE A 175 10.78 -6.44 -0.95
CA ILE A 175 11.43 -6.31 -2.25
C ILE A 175 10.87 -5.10 -2.96
N GLU A 176 11.71 -4.13 -3.22
CA GLU A 176 11.25 -2.96 -3.95
C GLU A 176 11.57 -3.10 -5.43
N PRO A 177 10.80 -2.43 -6.30
CA PRO A 177 10.90 -2.69 -7.73
C PRO A 177 12.13 -2.05 -8.36
N VAL A 178 12.79 -2.84 -9.23
CA VAL A 178 13.92 -2.37 -10.03
C VAL A 178 13.70 -2.97 -11.42
N TRP A 179 13.40 -2.12 -12.39
CA TRP A 179 12.99 -2.59 -13.72
C TRP A 179 14.14 -2.44 -14.70
N HIS A 180 14.48 -3.54 -15.37
CA HIS A 180 15.36 -3.49 -16.52
C HIS A 180 14.49 -3.25 -17.74
N LEU A 181 14.46 -2.02 -18.24
CA LEU A 181 13.49 -1.66 -19.26
C LEU A 181 13.56 -2.51 -20.52
N PRO A 182 14.74 -2.87 -21.05
CA PRO A 182 14.73 -3.78 -22.22
C PRO A 182 14.08 -5.11 -21.90
N GLY A 183 14.31 -5.64 -20.70
CA GLY A 183 13.69 -6.89 -20.31
C GLY A 183 12.20 -6.78 -20.07
N VAL A 184 11.76 -5.67 -19.46
CA VAL A 184 10.31 -5.47 -19.28
C VAL A 184 9.62 -5.38 -20.63
N ALA A 185 10.21 -4.61 -21.56
CA ALA A 185 9.60 -4.49 -22.88
C ALA A 185 9.42 -5.87 -23.53
N GLU A 186 10.46 -6.70 -23.50
CA GLU A 186 10.35 -8.06 -24.04
C GLU A 186 9.22 -8.82 -23.37
N ARG A 187 9.14 -8.73 -22.04
CA ARG A 187 8.11 -9.42 -21.29
C ARG A 187 6.72 -9.04 -21.77
N PHE A 188 6.57 -7.82 -22.29
CA PHE A 188 5.27 -7.30 -22.72
C PHE A 188 5.12 -7.27 -24.23
N HIS A 189 6.07 -7.84 -24.97
CA HIS A 189 5.98 -7.96 -26.43
C HIS A 189 5.84 -6.60 -27.11
N CYS A 190 6.57 -5.60 -26.63
CA CYS A 190 6.63 -4.33 -27.35
C CYS A 190 8.07 -3.83 -27.35
N SER A 191 8.34 -2.87 -28.23
CA SER A 191 9.69 -2.32 -28.31
C SER A 191 10.00 -1.52 -27.05
N GLU A 192 11.28 -1.51 -26.68
CA GLU A 192 11.68 -0.70 -25.53
C GLU A 192 11.36 0.76 -25.76
N THR A 193 11.57 1.25 -26.99
CA THR A 193 11.29 2.65 -27.29
C THR A 193 9.83 2.99 -27.05
N ASP A 194 8.92 2.11 -27.49
CA ASP A 194 7.50 2.36 -27.28
C ASP A 194 7.13 2.23 -25.81
N LEU A 195 7.66 1.23 -25.11
CA LEU A 195 7.38 1.11 -23.68
C LEU A 195 7.76 2.40 -22.96
N ARG A 196 8.96 2.92 -23.26
CA ARG A 196 9.43 4.10 -22.54
C ARG A 196 8.65 5.35 -22.91
N ARG A 197 8.30 5.51 -24.20
CA ARG A 197 7.46 6.64 -24.59
C ARG A 197 6.10 6.58 -23.90
N VAL A 198 5.50 5.40 -23.82
CA VAL A 198 4.17 5.31 -23.23
C VAL A 198 4.23 5.52 -21.72
N LEU A 199 5.25 4.97 -21.05
CA LEU A 199 5.45 5.28 -19.64
C LEU A 199 5.53 6.78 -19.41
N PHE A 200 6.32 7.46 -20.25
CA PHE A 200 6.44 8.91 -20.15
C PHE A 200 5.09 9.60 -20.40
N GLU A 201 4.41 9.23 -21.48
CA GLU A 201 3.19 9.95 -21.85
C GLU A 201 2.06 9.70 -20.85
N GLU A 202 1.84 8.45 -20.46
CA GLU A 202 0.64 8.13 -19.69
C GLU A 202 0.75 8.51 -18.22
N THR A 203 1.94 8.85 -17.75
CA THR A 203 2.13 9.40 -16.41
C THR A 203 2.11 10.91 -16.40
N GLY A 204 1.76 11.55 -17.51
CA GLY A 204 1.81 12.99 -17.57
C GLY A 204 3.22 13.53 -17.66
N GLY A 205 4.15 12.75 -18.19
CA GLY A 205 5.51 13.20 -18.34
C GLY A 205 6.42 12.91 -17.17
N MET A 206 6.15 11.85 -16.42
CA MET A 206 7.03 11.48 -15.34
C MET A 206 8.34 10.97 -15.95
N TYR A 207 9.43 11.42 -15.41
CA TYR A 207 10.80 11.06 -15.81
C TYR A 207 11.06 11.17 -17.31
N PRO A 208 11.33 12.37 -17.81
CA PRO A 208 11.68 12.49 -19.24
C PRO A 208 12.90 11.69 -19.65
N GLU A 209 13.78 11.32 -18.71
CA GLU A 209 14.88 10.44 -19.09
C GLU A 209 14.39 9.17 -19.75
N LEU A 210 13.16 8.74 -19.48
CA LEU A 210 12.62 7.60 -20.20
C LEU A 210 12.76 7.77 -21.71
N VAL A 211 12.60 9.00 -22.19
CA VAL A 211 12.71 9.27 -23.61
C VAL A 211 14.00 10.00 -24.00
N THR A 212 14.68 10.67 -23.07
CA THR A 212 15.89 11.41 -23.44
C THR A 212 17.18 10.69 -23.11
N ARG A 213 17.15 9.61 -22.33
CA ARG A 213 18.38 8.89 -21.93
C ARG A 213 18.22 7.40 -22.22
N SER A 214 18.20 7.04 -23.52
CA SER A 214 18.10 5.63 -23.86
C SER A 214 19.27 4.81 -23.35
N ASP A 215 20.38 5.47 -22.98
CA ASP A 215 21.54 4.75 -22.41
C ASP A 215 21.27 4.24 -21.00
N LEU A 216 20.33 4.83 -20.28
CA LEU A 216 19.93 4.33 -18.96
C LEU A 216 18.92 3.21 -19.16
N GLU A 217 19.28 1.99 -18.75
CA GLU A 217 18.42 0.83 -18.98
C GLU A 217 17.53 0.51 -17.79
N VAL A 218 17.84 1.01 -16.60
CA VAL A 218 17.18 0.60 -15.37
C VAL A 218 16.33 1.74 -14.83
N PHE A 219 15.12 1.40 -14.38
CA PHE A 219 14.12 2.34 -13.92
C PHE A 219 13.65 1.89 -12.54
N LEU A 220 13.68 2.81 -11.57
CA LEU A 220 13.12 2.54 -10.25
C LEU A 220 11.77 3.22 -10.17
N PRO A 221 10.66 2.53 -10.42
CA PRO A 221 9.36 3.19 -10.50
C PRO A 221 8.83 3.54 -9.12
N PRO A 222 8.00 4.58 -9.02
CA PRO A 222 7.42 4.94 -7.70
C PRO A 222 6.18 4.13 -7.38
N ILE A 223 6.36 2.80 -7.30
CA ILE A 223 5.28 1.87 -7.03
C ILE A 223 5.68 0.98 -5.85
N GLY A 224 4.68 0.36 -5.25
CA GLY A 224 4.94 -0.56 -4.17
C GLY A 224 5.58 -1.84 -4.69
N GLY A 225 6.28 -2.51 -3.81
CA GLY A 225 6.92 -3.75 -4.20
C GLY A 225 6.12 -4.95 -3.74
N GLN A 226 6.80 -5.87 -3.05
CA GLN A 226 6.11 -7.01 -2.51
C GLN A 226 6.85 -7.45 -1.27
N THR A 227 6.21 -8.33 -0.50
CA THR A 227 6.81 -8.93 0.69
C THR A 227 6.62 -10.42 0.59
N VAL A 228 7.71 -11.16 0.80
CA VAL A 228 7.65 -12.62 0.78
C VAL A 228 7.73 -13.12 2.22
N TYR A 229 6.84 -14.05 2.55
CA TYR A 229 6.82 -14.73 3.84
C TYR A 229 7.19 -16.19 3.61
N ILE A 230 8.27 -16.64 4.26
CA ILE A 230 8.80 -17.98 4.05
C ILE A 230 8.61 -18.77 5.33
N PHE A 231 7.97 -19.92 5.20
CA PHE A 231 7.69 -20.83 6.31
C PHE A 231 8.64 -22.02 6.16
N GLY A 232 9.61 -22.14 7.05
CA GLY A 232 10.67 -23.11 6.85
C GLY A 232 11.96 -22.45 6.39
N ASP A 233 12.77 -23.19 5.65
CA ASP A 233 14.14 -22.80 5.29
C ASP A 233 14.14 -22.20 3.89
N ALA A 234 14.55 -20.93 3.79
CA ALA A 234 14.58 -20.28 2.48
C ALA A 234 15.37 -21.09 1.46
N ARG A 235 16.43 -21.79 1.89
CA ARG A 235 17.24 -22.53 0.93
C ARG A 235 16.43 -23.65 0.26
N ASP A 236 15.41 -24.17 0.94
CA ASP A 236 14.61 -25.25 0.38
C ASP A 236 13.75 -24.80 -0.80
N LEU A 237 13.50 -23.50 -0.94
CA LEU A 237 12.76 -23.00 -2.10
C LEU A 237 13.47 -23.31 -3.40
N ALA A 238 14.79 -23.46 -3.35
CA ALA A 238 15.59 -23.72 -4.54
C ALA A 238 15.81 -25.22 -4.77
N ASP A 239 15.16 -26.06 -3.99
CA ASP A 239 15.30 -27.51 -4.09
C ASP A 239 13.95 -28.12 -4.45
N PRO A 240 13.72 -28.47 -5.71
CA PRO A 240 12.41 -28.99 -6.12
C PRO A 240 12.07 -30.34 -5.50
N GLY A 241 13.00 -30.97 -4.80
CA GLY A 241 12.69 -32.16 -4.04
C GLY A 241 12.01 -31.91 -2.71
N VAL A 242 11.93 -30.65 -2.27
CA VAL A 242 11.24 -30.29 -1.05
C VAL A 242 9.88 -29.73 -1.41
N GLU A 243 8.83 -30.29 -0.80
CA GLU A 243 7.48 -29.88 -1.16
C GLU A 243 7.24 -28.41 -0.84
N LEU A 244 6.90 -27.63 -1.86
CA LEU A 244 6.64 -26.20 -1.72
C LEU A 244 5.16 -25.93 -1.85
N THR A 245 4.60 -25.27 -0.83
CA THR A 245 3.25 -24.72 -0.84
C THR A 245 3.39 -23.21 -1.00
N ALA A 246 2.65 -22.61 -1.94
CA ALA A 246 2.87 -21.20 -2.26
C ALA A 246 1.58 -20.51 -2.67
N ARG A 247 1.50 -19.21 -2.34
CA ARG A 247 0.46 -18.34 -2.88
C ARG A 247 1.07 -16.99 -3.18
N VAL A 248 0.76 -16.45 -4.35
CA VAL A 248 1.01 -15.05 -4.64
C VAL A 248 -0.31 -14.30 -4.48
N HIS A 249 -0.33 -13.39 -3.52
CA HIS A 249 -1.51 -12.65 -3.12
C HIS A 249 -1.35 -11.19 -3.52
N ASP A 250 -2.33 -10.65 -4.25
CA ASP A 250 -2.30 -9.24 -4.60
C ASP A 250 -3.10 -8.42 -3.59
N GLU A 251 -2.52 -7.29 -3.16
CA GLU A 251 -3.08 -6.49 -2.07
C GLU A 251 -4.56 -6.15 -2.28
N CYS A 252 -5.33 -6.33 -1.20
CA CYS A 252 -6.71 -5.86 -1.09
C CYS A 252 -6.86 -5.31 0.33
N ASN A 253 -6.69 -3.99 0.50
CA ASN A 253 -6.69 -3.46 1.86
C ASN A 253 -8.03 -3.70 2.55
N GLY A 254 -9.13 -3.51 1.83
CA GLY A 254 -10.45 -3.58 2.42
C GLY A 254 -10.82 -4.95 2.94
N SER A 255 -10.12 -6.00 2.49
CA SER A 255 -10.30 -7.33 3.04
C SER A 255 -9.09 -7.77 3.86
N ASP A 256 -7.90 -7.68 3.27
CA ASP A 256 -6.67 -8.12 3.95
C ASP A 256 -6.55 -7.51 5.33
N VAL A 257 -6.92 -6.24 5.47
CA VAL A 257 -6.93 -5.60 6.77
C VAL A 257 -8.33 -5.60 7.35
N PHE A 258 -9.30 -5.05 6.60
CA PHE A 258 -10.59 -4.69 7.20
C PHE A 258 -11.68 -5.77 7.05
N GLY A 259 -11.42 -6.88 6.35
CA GLY A 259 -12.39 -7.97 6.33
C GLY A 259 -13.73 -7.70 5.68
N SER A 260 -13.78 -6.87 4.65
CA SER A 260 -15.04 -6.68 3.93
C SER A 260 -15.52 -8.00 3.33
N ASP A 261 -16.82 -8.29 3.47
CA ASP A 261 -17.34 -9.57 3.02
C ASP A 261 -17.75 -9.58 1.55
N ILE A 262 -17.32 -8.58 0.76
CA ILE A 262 -17.61 -8.59 -0.67
C ILE A 262 -16.62 -9.40 -1.49
N CYS A 263 -15.52 -9.86 -0.91
CA CYS A 263 -14.49 -10.54 -1.70
C CYS A 263 -13.84 -11.64 -0.88
N THR A 264 -13.03 -12.43 -1.58
CA THR A 264 -12.43 -13.65 -1.03
C THR A 264 -11.03 -13.46 -0.49
N CYS A 265 -10.52 -12.21 -0.45
CA CYS A 265 -9.06 -12.01 -0.39
C CYS A 265 -8.46 -12.49 0.92
N ARG A 266 -8.84 -11.89 2.05
CA ARG A 266 -8.23 -12.33 3.31
C ARG A 266 -8.52 -13.80 3.59
N PRO A 267 -9.70 -14.33 3.35
CA PRO A 267 -9.88 -15.78 3.50
C PRO A 267 -8.88 -16.60 2.70
N TYR A 268 -8.59 -16.23 1.45
CA TYR A 268 -7.64 -17.03 0.67
C TYR A 268 -6.23 -16.85 1.20
N LEU A 269 -5.87 -15.62 1.59
CA LEU A 269 -4.56 -15.37 2.16
C LEU A 269 -4.34 -16.20 3.42
N THR A 270 -5.29 -16.16 4.36
CA THR A 270 -5.07 -16.86 5.62
C THR A 270 -5.22 -18.37 5.47
N HIS A 271 -6.06 -18.84 4.53
CA HIS A 271 -6.05 -20.26 4.21
C HIS A 271 -4.69 -20.69 3.69
N ALA A 272 -4.10 -19.89 2.80
CA ALA A 272 -2.77 -20.23 2.30
C ALA A 272 -1.75 -20.26 3.43
N ILE A 273 -1.83 -19.31 4.35
CA ILE A 273 -0.88 -19.28 5.47
C ILE A 273 -1.01 -20.56 6.29
N GLU A 274 -2.25 -20.98 6.59
CA GLU A 274 -2.47 -22.26 7.27
C GLU A 274 -1.81 -23.40 6.51
N GLU A 275 -2.01 -23.44 5.20
CA GLU A 275 -1.46 -24.54 4.42
C GLU A 275 0.06 -24.47 4.35
N CYS A 276 0.63 -23.27 4.36
CA CYS A 276 2.08 -23.13 4.38
C CYS A 276 2.66 -23.62 5.70
N ILE A 277 2.02 -23.27 6.80
CA ILE A 277 2.48 -23.76 8.11
C ILE A 277 2.50 -25.27 8.12
N GLN A 278 1.39 -25.89 7.69
CA GLN A 278 1.34 -27.36 7.65
C GLN A 278 2.39 -27.92 6.72
N GLY A 279 2.61 -27.30 5.56
CA GLY A 279 3.63 -27.80 4.65
C GLY A 279 5.00 -27.81 5.29
N ALA A 280 5.34 -26.75 6.01
CA ALA A 280 6.62 -26.70 6.71
C ALA A 280 6.66 -27.75 7.82
N GLN A 281 5.56 -27.92 8.56
CA GLN A 281 5.55 -28.90 9.64
C GLN A 281 5.81 -30.31 9.13
N ARG A 282 5.33 -30.63 7.92
CA ARG A 282 5.51 -31.96 7.35
C ARG A 282 6.91 -32.18 6.76
N GLY A 283 7.78 -31.17 6.84
CA GLY A 283 9.11 -31.28 6.28
C GLY A 283 9.33 -30.54 4.99
N GLY A 284 8.35 -29.77 4.54
CA GLY A 284 8.42 -29.00 3.31
C GLY A 284 8.78 -27.55 3.56
N VAL A 285 8.30 -26.68 2.69
CA VAL A 285 8.54 -25.24 2.81
C VAL A 285 7.32 -24.51 2.27
N GLY A 286 7.04 -23.34 2.84
CA GLY A 286 5.90 -22.54 2.41
C GLY A 286 6.30 -21.13 2.06
N LEU A 287 5.50 -20.52 1.16
CA LEU A 287 5.82 -19.20 0.62
C LEU A 287 4.53 -18.44 0.36
N VAL A 288 4.42 -17.23 0.90
CA VAL A 288 3.36 -16.30 0.53
C VAL A 288 4.04 -15.01 0.06
N ALA A 289 3.77 -14.60 -1.17
CA ALA A 289 4.21 -13.31 -1.67
C ALA A 289 3.02 -12.37 -1.65
N TYR A 290 3.21 -11.19 -1.07
CA TYR A 290 2.16 -10.19 -0.92
C TYR A 290 2.56 -9.00 -1.78
N SER A 291 1.88 -8.83 -2.91
CA SER A 291 2.28 -7.88 -3.93
C SER A 291 1.37 -6.66 -3.91
N ARG A 292 1.97 -5.47 -3.99
CA ARG A 292 1.22 -4.22 -3.83
C ARG A 292 0.56 -3.81 -5.15
N LYS A 293 -0.62 -4.39 -5.39
CA LYS A 293 -1.38 -4.14 -6.62
C LYS A 293 -2.87 -3.97 -6.28
N GLU A 294 -3.16 -2.99 -5.43
CA GLU A 294 -4.53 -2.76 -4.97
C GLU A 294 -5.52 -2.60 -6.12
N GLY A 295 -6.65 -3.29 -6.01
CA GLY A 295 -7.73 -3.09 -6.96
C GLY A 295 -7.38 -3.51 -8.37
N ARG A 296 -6.74 -4.66 -8.53
CA ARG A 296 -6.27 -5.10 -9.84
C ARG A 296 -5.33 -4.07 -10.46
N ALA A 297 -4.56 -3.40 -9.60
CA ALA A 297 -3.63 -2.34 -9.98
C ALA A 297 -4.33 -1.14 -10.62
N LEU A 298 -5.62 -0.97 -10.36
CA LEU A 298 -6.35 0.25 -10.66
C LEU A 298 -6.38 1.23 -9.51
N GLY A 299 -6.06 0.77 -8.29
CA GLY A 299 -6.18 1.61 -7.12
C GLY A 299 -7.56 1.52 -6.49
N GLU A 300 -7.65 2.07 -5.27
CA GLU A 300 -8.85 1.86 -4.45
C GLU A 300 -10.02 2.74 -4.86
N VAL A 301 -9.75 3.95 -5.37
CA VAL A 301 -10.85 4.79 -5.82
C VAL A 301 -11.62 4.09 -6.94
N THR A 302 -10.91 3.63 -7.97
CA THR A 302 -11.59 2.95 -9.07
C THR A 302 -12.34 1.72 -8.57
N LYS A 303 -11.71 0.94 -7.69
CA LYS A 303 -12.35 -0.23 -7.11
C LYS A 303 -13.69 0.12 -6.46
N PHE A 304 -13.73 1.21 -5.70
CA PHE A 304 -14.97 1.57 -5.00
C PHE A 304 -16.02 2.12 -5.97
N LEU A 305 -15.60 2.89 -6.98
CA LEU A 305 -16.55 3.35 -8.00
C LEU A 305 -17.25 2.16 -8.64
N VAL A 306 -16.50 1.10 -8.92
CA VAL A 306 -17.07 -0.09 -9.56
C VAL A 306 -18.03 -0.81 -8.62
N TYR A 307 -17.69 -0.89 -7.33
CA TYR A 307 -18.64 -1.47 -6.37
C TYR A 307 -19.98 -0.74 -6.43
N ASN A 308 -19.94 0.59 -6.47
CA ASN A 308 -21.18 1.36 -6.52
C ASN A 308 -21.96 1.05 -7.80
N ALA A 309 -21.27 1.01 -8.94
CA ALA A 309 -21.96 0.71 -10.19
C ALA A 309 -22.54 -0.70 -10.19
N ARG A 310 -21.82 -1.65 -9.59
CA ARG A 310 -22.33 -3.01 -9.49
C ARG A 310 -23.64 -3.06 -8.73
N LYS A 311 -23.74 -2.34 -7.62
CA LYS A 311 -24.91 -2.44 -6.76
C LYS A 311 -26.10 -1.66 -7.31
N ARG A 312 -25.85 -0.65 -8.15
CA ARG A 312 -26.93 0.20 -8.64
C ARG A 312 -27.42 -0.20 -10.02
N GLN A 313 -26.69 -1.04 -10.75
CA GLN A 313 -27.05 -1.32 -12.13
C GLN A 313 -28.44 -1.96 -12.20
N VAL A 314 -29.10 -1.74 -13.34
CA VAL A 314 -30.39 -2.38 -13.57
C VAL A 314 -30.22 -3.89 -13.47
N GLY A 315 -31.10 -4.54 -12.74
CA GLY A 315 -31.05 -5.98 -12.58
C GLY A 315 -30.26 -6.46 -11.40
N GLY A 316 -29.58 -5.57 -10.67
CA GLY A 316 -28.86 -5.96 -9.48
C GLY A 316 -27.45 -6.41 -9.76
N ASP A 317 -26.79 -6.80 -8.68
CA ASP A 317 -25.37 -7.17 -8.70
C ASP A 317 -25.27 -8.65 -9.10
N THR A 318 -25.05 -8.92 -10.39
CA THR A 318 -25.03 -10.27 -10.91
C THR A 318 -23.64 -10.63 -11.43
N ALA A 319 -23.28 -11.91 -11.32
CA ALA A 319 -21.95 -12.34 -11.74
C ALA A 319 -21.73 -12.14 -13.24
N ASP A 320 -22.79 -12.23 -14.06
CA ASP A 320 -22.57 -12.03 -15.48
C ASP A 320 -22.26 -10.59 -15.85
N GLN A 321 -22.42 -9.64 -14.92
CA GLN A 321 -22.07 -8.25 -15.17
C GLN A 321 -20.81 -7.82 -14.44
N TYR A 322 -20.23 -8.71 -13.63
CA TYR A 322 -19.13 -8.34 -12.74
C TYR A 322 -17.96 -7.72 -13.50
N PHE A 323 -17.49 -8.36 -14.56
CA PHE A 323 -16.33 -7.83 -15.26
C PHE A 323 -16.71 -6.59 -16.08
N ALA A 324 -17.92 -6.60 -16.66
CA ALA A 324 -18.37 -5.45 -17.44
C ALA A 324 -18.36 -4.18 -16.60
N ARG A 325 -18.66 -4.29 -15.30
CA ARG A 325 -18.71 -3.08 -14.47
C ARG A 325 -17.33 -2.48 -14.30
N THR A 326 -16.29 -3.32 -14.20
CA THR A 326 -14.93 -2.76 -14.17
C THR A 326 -14.54 -2.19 -15.52
N GLU A 327 -14.87 -2.90 -16.60
CA GLU A 327 -14.50 -2.45 -17.94
C GLU A 327 -15.06 -1.05 -18.22
N CYS A 328 -16.31 -0.81 -17.82
CA CYS A 328 -16.93 0.47 -18.12
C CYS A 328 -16.19 1.63 -17.46
N VAL A 329 -15.67 1.41 -16.25
CA VAL A 329 -14.96 2.47 -15.54
C VAL A 329 -13.50 2.54 -15.97
N ALA A 330 -12.83 1.40 -16.09
CA ALA A 330 -11.38 1.35 -16.23
C ALA A 330 -10.88 1.09 -17.64
N GLY A 331 -11.74 0.61 -18.55
CA GLY A 331 -11.33 0.33 -19.91
C GLY A 331 -10.67 -1.03 -20.10
N VAL A 332 -10.38 -1.73 -19.01
CA VAL A 332 -9.82 -3.08 -19.02
C VAL A 332 -10.41 -3.78 -17.81
N GLN A 333 -10.22 -5.10 -17.74
CA GLN A 333 -10.68 -5.82 -16.56
C GLN A 333 -9.64 -5.84 -15.45
N ASP A 334 -8.36 -5.76 -15.79
CA ASP A 334 -7.31 -6.05 -14.84
C ASP A 334 -6.01 -5.47 -15.38
N MET A 335 -5.25 -4.75 -14.54
CA MET A 335 -3.95 -4.23 -14.96
C MET A 335 -2.80 -4.77 -14.14
N ARG A 336 -2.94 -5.95 -13.55
CA ARG A 336 -1.87 -6.43 -12.68
C ARG A 336 -0.67 -6.97 -13.44
N PHE A 337 -0.84 -7.39 -14.68
CA PHE A 337 0.23 -7.93 -15.52
C PHE A 337 1.06 -8.97 -14.75
N GLN A 338 0.40 -10.11 -14.55
CA GLN A 338 1.05 -11.24 -13.91
C GLN A 338 2.27 -11.74 -14.67
N GLU A 339 2.53 -11.26 -15.89
CA GLU A 339 3.75 -11.69 -16.58
C GLU A 339 5.02 -11.29 -15.84
N MET A 340 4.97 -10.29 -14.96
CA MET A 340 6.15 -9.97 -14.16
C MET A 340 6.11 -10.62 -12.78
N MET A 341 4.99 -11.20 -12.40
CA MET A 341 4.86 -11.74 -11.06
C MET A 341 5.82 -12.90 -10.75
N PRO A 342 6.16 -13.79 -11.69
CA PRO A 342 7.04 -14.91 -11.29
C PRO A 342 8.47 -14.51 -11.01
N ASP A 343 8.87 -13.26 -11.27
CA ASP A 343 10.27 -12.89 -11.06
C ASP A 343 10.74 -13.20 -9.64
N VAL A 344 9.91 -12.93 -8.63
CA VAL A 344 10.32 -13.22 -7.26
C VAL A 344 10.53 -14.70 -7.03
N LEU A 345 9.75 -15.55 -7.72
CA LEU A 345 9.95 -16.98 -7.57
C LEU A 345 11.31 -17.39 -8.12
N HIS A 346 11.69 -16.84 -9.28
CA HIS A 346 13.00 -17.13 -9.83
C HIS A 346 14.11 -16.59 -8.94
N TRP A 347 13.90 -15.40 -8.35
CA TRP A 347 14.88 -14.86 -7.42
C TRP A 347 15.11 -15.82 -6.25
N LEU A 348 14.05 -16.43 -5.74
CA LEU A 348 14.14 -17.40 -4.65
C LEU A 348 14.60 -18.78 -5.12
N GLY A 349 14.83 -18.96 -6.42
CA GLY A 349 15.30 -20.24 -6.94
C GLY A 349 14.22 -21.27 -7.18
N VAL A 350 12.94 -20.87 -7.13
CA VAL A 350 11.84 -21.82 -7.21
C VAL A 350 11.75 -22.38 -8.62
N ARG A 351 11.76 -23.71 -8.73
CA ARG A 351 11.60 -24.38 -10.00
C ARG A 351 10.34 -25.23 -10.07
N LYS A 352 9.64 -25.41 -8.95
CA LYS A 352 8.48 -26.30 -8.87
C LYS A 352 7.63 -25.85 -7.71
N ILE A 353 6.32 -25.76 -7.91
CA ILE A 353 5.38 -25.48 -6.84
C ILE A 353 4.48 -26.70 -6.68
N HIS A 354 4.64 -27.42 -5.56
CA HIS A 354 3.85 -28.64 -5.37
C HIS A 354 2.39 -28.34 -5.06
N ARG A 355 2.13 -27.28 -4.29
CA ARG A 355 0.77 -26.91 -3.92
C ARG A 355 0.64 -25.40 -4.13
N LEU A 356 -0.13 -25.01 -5.15
CA LEU A 356 -0.36 -23.61 -5.46
C LEU A 356 -1.73 -23.23 -4.93
N VAL A 357 -1.76 -22.40 -3.88
CA VAL A 357 -3.00 -22.08 -3.16
C VAL A 357 -3.56 -20.81 -3.85
N SER A 358 -4.24 -21.03 -4.97
CA SER A 358 -4.63 -19.99 -5.90
C SER A 358 -5.49 -20.65 -6.98
N MET A 359 -6.35 -19.87 -7.63
CA MET A 359 -7.17 -20.36 -8.73
C MET A 359 -6.95 -19.61 -10.03
N SER A 360 -6.53 -18.35 -9.96
CA SER A 360 -6.41 -17.51 -11.15
C SER A 360 -5.71 -18.22 -12.30
N ASN A 361 -6.35 -18.21 -13.48
CA ASN A 361 -5.66 -18.74 -14.65
C ASN A 361 -4.54 -17.80 -15.10
N MET A 362 -4.67 -16.50 -14.87
CA MET A 362 -3.59 -15.59 -15.28
C MET A 362 -2.33 -15.85 -14.46
N LYS A 363 -2.47 -16.04 -13.14
CA LYS A 363 -1.29 -16.34 -12.34
C LYS A 363 -0.72 -17.69 -12.72
N TYR A 364 -1.58 -18.69 -12.88
CA TYR A 364 -1.13 -20.03 -13.22
C TYR A 364 -0.40 -20.04 -14.55
N ASP A 365 -0.97 -19.37 -15.56
CA ASP A 365 -0.32 -19.33 -16.87
C ASP A 365 1.03 -18.63 -16.80
N ALA A 366 1.11 -17.55 -16.04
CA ALA A 366 2.38 -16.83 -15.94
C ALA A 366 3.44 -17.68 -15.25
N ILE A 367 3.08 -18.33 -14.16
CA ILE A 367 4.05 -19.15 -13.43
C ILE A 367 4.52 -20.31 -14.31
N THR A 368 3.57 -21.08 -14.85
CA THR A 368 3.95 -22.25 -15.65
C THR A 368 4.61 -21.85 -16.97
N GLY A 369 4.17 -20.74 -17.56
CA GLY A 369 4.81 -20.24 -18.78
C GLY A 369 6.25 -19.83 -18.58
N SER A 370 6.63 -19.50 -17.35
CA SER A 370 8.02 -19.15 -17.05
C SER A 370 8.84 -20.39 -16.72
N GLY A 371 8.26 -21.57 -16.85
CA GLY A 371 8.97 -22.83 -16.69
C GLY A 371 8.81 -23.50 -15.35
N ILE A 372 7.97 -22.99 -14.46
CA ILE A 372 7.81 -23.55 -13.12
C ILE A 372 6.63 -24.50 -13.14
N GLU A 373 6.89 -25.77 -12.85
CA GLU A 373 5.82 -26.76 -12.80
C GLU A 373 4.93 -26.50 -11.58
N VAL A 374 3.63 -26.60 -11.78
CA VAL A 374 2.65 -26.54 -10.70
C VAL A 374 2.00 -27.90 -10.65
N VAL A 375 2.06 -28.56 -9.49
CA VAL A 375 1.58 -29.92 -9.38
C VAL A 375 0.11 -29.91 -9.00
N GLU A 376 -0.20 -29.45 -7.81
CA GLU A 376 -1.57 -29.40 -7.31
C GLU A 376 -2.06 -27.96 -7.21
N ARG A 377 -3.25 -27.70 -7.73
CA ARG A 377 -3.89 -26.39 -7.57
C ARG A 377 -4.90 -26.51 -6.44
N VAL A 378 -4.79 -25.62 -5.45
CA VAL A 378 -5.59 -25.70 -4.24
C VAL A 378 -6.60 -24.57 -4.28
N ASP A 379 -7.85 -24.91 -4.61
CA ASP A 379 -8.90 -23.90 -4.69
C ASP A 379 -9.36 -23.49 -3.29
N LEU A 380 -10.06 -22.36 -3.24
CA LEU A 380 -10.55 -21.85 -1.98
C LEU A 380 -11.77 -22.65 -1.53
N PRO A 381 -11.73 -23.28 -0.36
CA PRO A 381 -12.90 -24.06 0.09
C PRO A 381 -14.16 -23.22 0.11
N ALA A 382 -15.27 -23.84 -0.30
CA ALA A 382 -16.54 -23.13 -0.43
C ALA A 382 -16.97 -22.50 0.89
N ASP A 383 -16.67 -23.15 2.02
CA ASP A 383 -17.12 -22.62 3.31
C ASP A 383 -16.38 -21.36 3.73
N LEU A 384 -15.33 -20.96 3.01
CA LEU A 384 -14.58 -19.76 3.33
C LEU A 384 -15.01 -18.55 2.51
N ILE A 385 -15.91 -18.73 1.54
CA ILE A 385 -16.39 -17.62 0.71
C ILE A 385 -17.27 -16.70 1.55
N PRO A 386 -16.90 -15.43 1.73
CA PRO A 386 -17.71 -14.53 2.57
C PRO A 386 -19.08 -14.28 1.97
N ALA A 387 -19.93 -13.67 2.79
CA ALA A 387 -21.37 -13.63 2.54
C ALA A 387 -21.73 -12.87 1.26
N ASP A 388 -20.92 -11.88 0.85
CA ASP A 388 -21.22 -11.15 -0.37
C ASP A 388 -20.15 -11.33 -1.44
N ALA A 389 -19.40 -12.44 -1.38
CA ALA A 389 -18.31 -12.69 -2.31
C ALA A 389 -18.71 -13.71 -3.38
N ARG A 390 -19.98 -14.11 -3.43
CA ARG A 390 -20.39 -15.11 -4.40
C ARG A 390 -20.36 -14.57 -5.82
N VAL A 391 -20.73 -13.29 -6.01
CA VAL A 391 -20.67 -12.71 -7.36
C VAL A 391 -19.24 -12.78 -7.88
N GLU A 392 -18.27 -12.35 -7.07
CA GLU A 392 -16.87 -12.36 -7.47
C GLU A 392 -16.38 -13.75 -7.85
N ILE A 393 -16.54 -14.73 -6.96
CA ILE A 393 -15.92 -16.03 -7.20
C ILE A 393 -16.64 -16.77 -8.34
N ASP A 394 -17.95 -16.60 -8.47
CA ASP A 394 -18.66 -17.20 -9.59
C ASP A 394 -18.21 -16.61 -10.92
N ALA A 395 -18.05 -15.27 -10.98
CA ALA A 395 -17.59 -14.65 -12.21
C ALA A 395 -16.19 -15.13 -12.56
N LYS A 396 -15.33 -15.27 -11.56
CA LYS A 396 -13.96 -15.70 -11.80
C LYS A 396 -13.91 -17.13 -12.31
N MET A 397 -14.71 -18.02 -11.72
CA MET A 397 -14.74 -19.40 -12.18
C MET A 397 -15.25 -19.48 -13.61
N ALA A 398 -16.29 -18.72 -13.92
CA ALA A 398 -16.79 -18.66 -15.30
C ALA A 398 -15.74 -18.10 -16.25
N ALA A 399 -14.84 -17.25 -15.74
CA ALA A 399 -13.79 -16.66 -16.57
C ALA A 399 -12.59 -17.58 -16.73
N GLY A 400 -12.60 -18.75 -16.13
CA GLY A 400 -11.52 -19.71 -16.29
C GLY A 400 -10.66 -19.95 -15.08
N TYR A 401 -10.98 -19.36 -13.92
CA TYR A 401 -10.24 -19.69 -12.71
C TYR A 401 -10.45 -21.16 -12.39
N PHE A 402 -9.41 -21.81 -11.87
CA PHE A 402 -9.46 -23.23 -11.58
C PHE A 402 -10.54 -23.56 -10.55
N THR A 403 -11.32 -24.60 -10.83
CA THR A 403 -12.19 -25.17 -9.81
C THR A 403 -12.36 -26.65 -10.12
N PRO A 404 -12.35 -27.51 -9.09
CA PRO A 404 -12.61 -28.94 -9.33
C PRO A 404 -14.06 -29.23 -9.64
N GLY A 405 -14.98 -28.37 -9.25
CA GLY A 405 -16.40 -28.63 -9.39
C GLY A 405 -17.00 -27.96 -10.61
N ALA A 406 -18.31 -27.74 -10.53
CA ALA A 406 -19.02 -27.20 -11.69
C ALA A 406 -18.69 -25.73 -11.90
N VAL A 407 -18.56 -25.35 -13.18
CA VAL A 407 -18.41 -23.95 -13.52
C VAL A 407 -19.82 -23.38 -13.67
N PRO A 408 -20.12 -22.23 -13.08
CA PRO A 408 -21.45 -21.65 -13.26
C PRO A 408 -21.71 -21.38 -14.74
N ASP A 409 -22.91 -21.78 -15.20
CA ASP A 409 -23.31 -21.51 -16.57
C ASP A 409 -24.03 -20.17 -16.65
N ALA A 410 -24.50 -19.83 -17.85
CA ALA A 410 -25.14 -18.53 -18.06
C ALA A 410 -26.29 -18.30 -17.09
N ASP A 411 -27.14 -19.31 -16.88
CA ASP A 411 -28.30 -19.13 -16.00
C ASP A 411 -27.87 -18.86 -14.56
N GLU A 412 -26.88 -19.62 -14.06
CA GLU A 412 -26.41 -19.38 -12.71
C GLU A 412 -25.79 -17.99 -12.59
N LEU A 413 -25.06 -17.56 -13.61
CA LEU A 413 -24.39 -16.27 -13.55
C LEU A 413 -25.36 -15.10 -13.56
N ALA A 414 -26.58 -15.30 -14.06
CA ALA A 414 -27.59 -14.25 -14.09
C ALA A 414 -28.33 -14.08 -12.77
N LYS A 415 -28.17 -15.00 -11.82
CA LYS A 415 -28.80 -14.83 -10.51
C LYS A 415 -28.25 -13.61 -9.78
N VAL A 416 -29.16 -12.86 -9.16
CA VAL A 416 -28.81 -11.67 -8.38
C VAL A 416 -28.20 -12.13 -7.06
N LYS A 417 -26.91 -12.48 -7.10
CA LYS A 417 -26.25 -13.00 -5.92
C LYS A 417 -25.65 -11.92 -5.04
N GLY A 418 -25.63 -10.66 -5.49
CA GLY A 418 -25.02 -9.58 -4.73
C GLY A 418 -26.02 -8.87 -3.83
N ARG A 419 -25.56 -8.55 -2.62
CA ARG A 419 -26.37 -7.84 -1.65
C ARG A 419 -26.67 -6.40 -2.10
N GLU A 420 -27.83 -5.90 -1.71
CA GLU A 420 -28.22 -4.54 -2.05
C GLU A 420 -27.39 -3.50 -1.29
N LEU A 421 -27.43 -2.27 -1.80
CA LEU A 421 -26.82 -1.05 -1.25
C LEU A 421 -25.51 -0.68 -1.92
N HIS B 22 -8.67 24.42 -38.21
CA HIS B 22 -9.80 24.65 -37.31
C HIS B 22 -9.44 25.66 -36.23
N SER B 23 -10.13 25.60 -35.10
CA SER B 23 -9.81 26.42 -33.95
C SER B 23 -9.05 25.59 -32.92
N GLY B 24 -8.46 26.29 -31.95
CA GLY B 24 -7.63 25.63 -30.97
C GLY B 24 -8.40 25.04 -29.80
N GLY B 25 -9.69 24.76 -30.00
CA GLY B 25 -10.54 24.32 -28.91
C GLY B 25 -10.38 25.21 -27.70
N VAL B 26 -10.53 24.64 -26.52
CA VAL B 26 -10.35 25.41 -25.28
C VAL B 26 -9.03 25.04 -24.65
N GLY B 27 -8.48 25.97 -23.89
CA GLY B 27 -7.28 25.74 -23.13
C GLY B 27 -7.61 25.10 -21.81
N ALA B 28 -6.62 25.09 -20.92
CA ALA B 28 -6.78 24.47 -19.63
C ALA B 28 -7.56 25.38 -18.68
N LEU B 29 -8.51 24.78 -17.96
CA LEU B 29 -9.32 25.56 -17.02
C LEU B 29 -8.48 25.99 -15.83
N PRO B 30 -8.66 27.21 -15.34
CA PRO B 30 -7.89 27.66 -14.17
C PRO B 30 -8.38 26.98 -12.90
N ILE B 31 -7.47 26.86 -11.95
CA ILE B 31 -7.79 26.35 -10.63
C ILE B 31 -7.57 27.46 -9.62
N HIS B 32 -8.58 27.74 -8.81
CA HIS B 32 -8.50 28.72 -7.74
C HIS B 32 -8.72 27.93 -6.46
N TRP B 33 -7.60 27.46 -5.87
CA TRP B 33 -7.71 26.55 -4.75
C TRP B 33 -8.40 27.21 -3.58
N GLY B 34 -9.31 26.46 -2.94
CA GLY B 34 -10.03 26.97 -1.80
C GLY B 34 -11.17 27.90 -2.10
N ALA B 35 -11.57 28.04 -3.37
CA ALA B 35 -12.66 28.94 -3.74
C ALA B 35 -13.98 28.50 -3.11
N PRO B 36 -14.95 29.41 -2.98
CA PRO B 36 -16.17 29.08 -2.22
C PRO B 36 -17.11 28.11 -2.92
N THR B 37 -17.03 27.95 -4.23
CA THR B 37 -17.89 27.04 -4.96
C THR B 37 -17.05 26.18 -5.89
N ALA B 38 -17.60 25.02 -6.27
CA ALA B 38 -16.88 24.16 -7.20
C ALA B 38 -16.57 24.87 -8.51
N SER B 39 -17.54 25.62 -9.04
CA SER B 39 -17.31 26.30 -10.32
C SER B 39 -16.16 27.29 -10.25
N GLU B 40 -16.08 28.05 -9.16
CA GLU B 40 -14.96 29.00 -9.03
C GLU B 40 -13.66 28.26 -8.80
N ARG B 41 -13.71 27.14 -8.07
CA ARG B 41 -12.49 26.38 -7.79
C ARG B 41 -11.89 25.82 -9.06
N GLY B 42 -12.73 25.28 -9.94
CA GLY B 42 -12.26 24.65 -11.15
C GLY B 42 -11.93 23.18 -10.93
N PRO B 43 -12.11 22.35 -11.96
CA PRO B 43 -11.84 20.93 -11.81
C PRO B 43 -10.36 20.63 -11.93
N VAL B 44 -9.93 19.62 -11.18
CA VAL B 44 -8.61 19.03 -11.37
C VAL B 44 -8.70 18.14 -12.61
N VAL B 45 -7.96 18.51 -13.67
CA VAL B 45 -7.94 17.75 -14.92
C VAL B 45 -6.56 17.11 -15.02
N GLY B 46 -6.47 15.85 -14.61
CA GLY B 46 -5.20 15.15 -14.52
C GLY B 46 -5.11 13.97 -15.45
N THR B 47 -6.10 13.85 -16.34
CA THR B 47 -6.10 12.86 -17.38
C THR B 47 -5.14 13.24 -18.49
N THR B 48 -4.94 12.33 -19.43
CA THR B 48 -4.00 12.57 -20.52
C THR B 48 -4.65 12.43 -21.89
N THR B 49 -5.97 12.32 -21.96
CA THR B 49 -6.64 12.19 -23.25
C THR B 49 -6.54 13.46 -24.06
N ASN B 50 -6.42 14.62 -23.41
CA ASN B 50 -6.21 15.89 -24.10
C ASN B 50 -5.16 16.67 -23.31
N ARG B 51 -3.93 16.71 -23.84
CA ARG B 51 -2.87 17.39 -23.10
C ARG B 51 -3.19 18.86 -22.89
N ALA B 52 -3.91 19.49 -23.82
CA ALA B 52 -4.18 20.92 -23.70
C ALA B 52 -5.09 21.26 -22.54
N HIS B 53 -5.88 20.29 -22.05
CA HIS B 53 -6.78 20.53 -20.93
C HIS B 53 -6.12 20.28 -19.58
N ARG B 54 -4.95 19.67 -19.56
CA ARG B 54 -4.33 19.35 -18.28
C ARG B 54 -4.01 20.63 -17.53
N ASN B 55 -4.37 20.67 -16.25
CA ASN B 55 -4.11 21.87 -15.46
C ASN B 55 -3.43 21.53 -14.14
N VAL B 56 -2.76 20.38 -14.08
CA VAL B 56 -2.03 19.93 -12.90
C VAL B 56 -0.75 19.24 -13.36
N ILE B 57 0.13 18.97 -12.41
CA ILE B 57 1.30 18.12 -12.60
C ILE B 57 0.93 16.72 -12.13
N GLY B 58 1.26 15.70 -12.93
CA GLY B 58 0.99 14.32 -12.53
C GLY B 58 -0.34 13.79 -13.04
N THR B 59 -0.65 12.56 -12.59
CA THR B 59 -1.82 11.85 -13.06
C THR B 59 -2.50 11.17 -11.88
N HIS B 60 -3.71 10.65 -12.13
CA HIS B 60 -4.53 10.08 -11.07
C HIS B 60 -4.07 8.68 -10.67
N SER B 61 -4.59 8.24 -9.53
CA SER B 61 -4.51 6.88 -9.01
C SER B 61 -3.20 6.58 -8.28
N GLY B 62 -2.46 7.59 -7.85
CA GLY B 62 -1.27 7.33 -7.05
C GLY B 62 -0.24 6.57 -7.84
N SER B 63 0.33 5.53 -7.23
CA SER B 63 1.34 4.74 -7.92
C SER B 63 0.78 4.01 -9.14
N TYR B 64 -0.55 3.86 -9.24
CA TYR B 64 -1.07 2.95 -10.24
C TYR B 64 -1.14 3.57 -11.63
N SER B 65 -0.71 4.83 -11.79
CA SER B 65 -0.52 5.36 -13.14
C SER B 65 0.53 4.58 -13.90
N ILE B 66 1.51 4.00 -13.19
CA ILE B 66 2.53 3.19 -13.86
C ILE B 66 1.92 1.95 -14.48
N TYR B 67 0.99 1.32 -13.77
CA TYR B 67 0.31 0.15 -14.32
C TYR B 67 -0.61 0.53 -15.46
N ARG B 68 -1.26 1.69 -15.38
CA ARG B 68 -2.06 2.15 -16.51
C ARG B 68 -1.19 2.34 -17.75
N ALA B 69 0.01 2.89 -17.56
CA ALA B 69 0.92 3.05 -18.69
C ALA B 69 1.30 1.70 -19.30
N LEU B 70 1.56 0.70 -18.46
CA LEU B 70 1.84 -0.65 -18.97
C LEU B 70 0.65 -1.18 -19.77
N ALA B 71 -0.56 -0.90 -19.30
CA ALA B 71 -1.74 -1.37 -20.02
C ALA B 71 -1.86 -0.71 -21.38
N VAL B 72 -1.51 0.58 -21.48
CA VAL B 72 -1.53 1.23 -22.79
C VAL B 72 -0.42 0.67 -23.68
N ALA B 73 0.79 0.51 -23.12
CA ALA B 73 1.93 0.06 -23.90
C ALA B 73 1.69 -1.33 -24.49
N SER B 74 1.02 -2.20 -23.72
CA SER B 74 0.80 -3.56 -24.18
C SER B 74 -0.40 -3.69 -25.10
N GLY B 75 -1.15 -2.61 -25.32
CA GLY B 75 -2.32 -2.65 -26.18
C GLY B 75 -3.60 -3.07 -25.49
N ALA B 76 -3.56 -3.35 -24.19
CA ALA B 76 -4.76 -3.78 -23.49
C ALA B 76 -5.72 -2.62 -23.25
N LEU B 77 -5.20 -1.41 -23.06
CA LEU B 77 -6.01 -0.24 -22.74
C LEU B 77 -5.79 0.82 -23.81
N SER B 78 -6.88 1.40 -24.29
CA SER B 78 -6.78 2.48 -25.26
C SER B 78 -6.38 3.78 -24.55
N ARG B 79 -5.39 4.47 -25.12
CA ARG B 79 -5.02 5.76 -24.53
C ARG B 79 -6.13 6.78 -24.66
N HIS B 80 -7.19 6.44 -25.39
CA HIS B 80 -8.34 7.32 -25.57
C HIS B 80 -9.46 7.04 -24.59
N HIS B 81 -9.33 6.00 -23.76
CA HIS B 81 -10.42 5.59 -22.90
C HIS B 81 -10.72 6.67 -21.86
N LYS B 82 -12.02 6.90 -21.65
CA LYS B 82 -12.52 7.78 -20.59
C LYS B 82 -13.50 7.00 -19.74
N ALA B 83 -13.46 7.24 -18.43
CA ALA B 83 -14.30 6.47 -17.52
C ALA B 83 -15.78 6.73 -17.81
N ASP B 84 -16.59 5.68 -17.70
CA ASP B 84 -18.03 5.84 -17.64
C ASP B 84 -18.38 5.88 -16.16
N LEU B 85 -18.76 7.05 -15.67
CA LEU B 85 -19.01 7.26 -14.25
C LEU B 85 -20.46 6.94 -13.86
N THR B 86 -21.26 6.40 -14.79
CA THR B 86 -22.64 6.06 -14.47
C THR B 86 -22.71 5.23 -13.20
N ASP B 87 -23.55 5.67 -12.26
CA ASP B 87 -23.89 4.92 -11.05
C ASP B 87 -22.74 4.82 -10.05
N THR B 88 -21.67 5.58 -10.22
CA THR B 88 -20.51 5.49 -9.33
C THR B 88 -20.55 6.50 -8.18
N ALA B 89 -21.53 7.40 -8.16
CA ALA B 89 -21.52 8.53 -7.23
C ALA B 89 -21.56 8.06 -5.77
N PRO B 90 -21.15 8.94 -4.84
CA PRO B 90 -21.06 8.55 -3.43
C PRO B 90 -22.35 7.94 -2.90
N THR B 91 -22.19 6.91 -2.05
CA THR B 91 -23.33 6.36 -1.33
C THR B 91 -23.81 7.27 -0.23
N ASN B 92 -22.97 8.20 0.22
CA ASN B 92 -23.26 9.10 1.33
C ASN B 92 -22.81 10.49 0.94
N ILE B 93 -23.65 11.49 1.22
CA ILE B 93 -23.32 12.86 0.89
C ILE B 93 -22.38 13.42 1.96
N ILE B 94 -21.17 13.78 1.55
CA ILE B 94 -20.17 14.36 2.44
C ILE B 94 -19.94 15.80 2.01
N GLY B 95 -20.33 16.75 2.87
CA GLY B 95 -20.16 18.15 2.56
C GLY B 95 -21.15 18.61 1.51
N PRO B 96 -20.90 19.78 0.91
CA PRO B 96 -19.75 20.65 1.20
C PRO B 96 -19.79 21.23 2.62
N TYR B 97 -18.63 21.57 3.17
CA TYR B 97 -18.54 22.21 4.47
C TYR B 97 -17.70 23.47 4.33
N PRO B 98 -17.83 24.42 5.27
CA PRO B 98 -17.04 25.65 5.20
C PRO B 98 -15.55 25.40 5.09
N GLN B 99 -15.05 24.32 5.70
CA GLN B 99 -13.62 24.03 5.66
C GLN B 99 -13.12 23.86 4.24
N TRP B 100 -14.00 23.44 3.33
CA TRP B 100 -13.59 23.22 1.94
C TRP B 100 -13.13 24.50 1.27
N SER B 101 -13.48 25.67 1.79
CA SER B 101 -13.09 26.93 1.19
C SER B 101 -12.36 27.84 2.18
N GLN B 102 -11.87 27.30 3.27
CA GLN B 102 -11.07 28.08 4.20
C GLN B 102 -9.62 28.12 3.72
N PRO B 103 -9.01 29.29 3.65
CA PRO B 103 -7.66 29.38 3.06
C PRO B 103 -6.68 28.48 3.79
N GLY B 104 -5.99 27.64 3.01
CA GLY B 104 -4.94 26.80 3.57
C GLY B 104 -5.42 25.65 4.43
N LYS B 105 -6.73 25.41 4.52
CA LYS B 105 -7.24 24.41 5.44
C LYS B 105 -7.09 23.00 4.91
N ILE B 106 -7.37 22.79 3.62
CA ILE B 106 -7.29 21.49 3.00
C ILE B 106 -6.39 21.66 1.79
N VAL B 107 -5.19 21.07 1.85
CA VAL B 107 -4.17 21.30 0.83
C VAL B 107 -3.62 20.00 0.24
N SER B 108 -4.04 18.83 0.73
CA SER B 108 -3.47 17.57 0.27
C SER B 108 -4.51 16.61 -0.29
N LEU B 109 -5.78 17.02 -0.37
CA LEU B 109 -6.79 16.31 -1.11
C LEU B 109 -7.71 17.34 -1.74
N ASP B 110 -8.47 16.90 -2.74
CA ASP B 110 -9.40 17.77 -3.45
C ASP B 110 -10.77 17.64 -2.79
N PRO B 111 -11.28 18.65 -2.08
CA PRO B 111 -12.57 18.48 -1.40
C PRO B 111 -13.70 18.14 -2.35
N TRP B 112 -13.62 18.57 -3.61
CA TRP B 112 -14.64 18.29 -4.61
C TRP B 112 -14.40 16.97 -5.32
N GLY B 113 -13.40 16.20 -4.90
CA GLY B 113 -12.95 15.07 -5.68
C GLY B 113 -13.91 13.90 -5.71
N ALA B 114 -14.88 13.84 -4.79
CA ALA B 114 -15.85 12.76 -4.79
C ALA B 114 -17.06 13.06 -5.66
N THR B 115 -17.29 14.32 -5.99
CA THR B 115 -18.57 14.71 -6.58
C THR B 115 -18.38 15.36 -7.95
N VAL B 116 -17.28 15.05 -8.65
CA VAL B 116 -16.96 15.72 -9.90
C VAL B 116 -18.09 15.55 -10.93
N ALA B 117 -18.71 14.35 -10.98
CA ALA B 117 -19.75 14.14 -11.98
C ALA B 117 -20.91 15.10 -11.77
N GLU B 118 -21.19 15.45 -10.52
CA GLU B 118 -22.25 16.38 -10.19
C GLU B 118 -21.79 17.82 -10.36
N VAL B 119 -20.71 18.21 -9.66
CA VAL B 119 -20.37 19.63 -9.57
C VAL B 119 -19.58 20.13 -10.77
N PHE B 120 -19.02 19.24 -11.58
CA PHE B 120 -18.36 19.63 -12.82
C PHE B 120 -19.06 19.03 -14.03
N ALA B 121 -20.38 18.83 -13.91
CA ALA B 121 -21.13 18.27 -15.03
C ALA B 121 -20.98 19.12 -16.28
N ALA B 122 -20.99 20.44 -16.13
CA ALA B 122 -20.87 21.33 -17.29
C ALA B 122 -19.51 21.20 -17.95
N GLU B 123 -18.44 21.15 -17.13
CA GLU B 123 -17.10 21.02 -17.68
C GLU B 123 -16.91 19.69 -18.38
N LEU B 124 -17.42 18.61 -17.79
CA LEU B 124 -17.44 17.32 -18.47
C LEU B 124 -18.16 17.43 -19.81
N ALA B 125 -19.32 18.09 -19.84
CA ALA B 125 -20.06 18.21 -21.09
C ALA B 125 -19.33 19.06 -22.11
N ALA B 126 -18.48 19.98 -21.67
CA ALA B 126 -17.66 20.80 -22.55
C ALA B 126 -16.43 20.06 -23.09
N GLY B 127 -16.19 18.83 -22.63
CA GLY B 127 -15.11 18.03 -23.18
C GLY B 127 -13.90 17.87 -22.29
N HIS B 128 -13.94 18.36 -21.05
CA HIS B 128 -12.84 18.14 -20.12
C HIS B 128 -12.98 16.78 -19.48
N ASP B 129 -11.94 15.97 -19.61
CA ASP B 129 -11.92 14.59 -19.10
C ASP B 129 -11.49 14.64 -17.64
N ILE B 130 -12.47 14.60 -16.73
CA ILE B 130 -12.26 14.83 -15.31
C ILE B 130 -12.56 13.54 -14.56
N ARG B 131 -11.57 13.04 -13.78
CA ARG B 131 -11.74 11.83 -12.99
C ARG B 131 -11.99 12.17 -11.53
N PRO B 132 -12.81 11.38 -10.84
CA PRO B 132 -12.86 11.49 -9.37
C PRO B 132 -11.52 11.12 -8.76
N SER B 133 -11.17 11.82 -7.68
CA SER B 133 -10.06 11.43 -6.84
C SER B 133 -10.53 10.86 -5.50
N ILE B 134 -11.83 10.74 -5.30
CA ILE B 134 -12.42 10.19 -4.08
C ILE B 134 -13.59 9.34 -4.50
N ALA B 135 -13.78 8.20 -3.83
CA ALA B 135 -14.94 7.34 -4.03
C ALA B 135 -15.51 6.95 -2.68
N VAL B 136 -16.84 6.90 -2.58
CA VAL B 136 -17.53 6.67 -1.32
C VAL B 136 -18.52 5.53 -1.52
N THR B 137 -18.35 4.44 -0.75
CA THR B 137 -19.24 3.28 -0.87
C THR B 137 -19.57 2.77 0.52
N LYS B 138 -20.21 1.61 0.59
CA LYS B 138 -20.59 0.97 1.83
C LYS B 138 -20.00 -0.44 1.90
N ALA B 139 -19.88 -0.97 3.12
CA ALA B 139 -19.37 -2.33 3.27
C ALA B 139 -19.87 -2.92 4.59
N HIS B 140 -19.79 -4.25 4.68
CA HIS B 140 -19.85 -4.99 5.94
C HIS B 140 -18.45 -5.48 6.22
N VAL B 141 -17.82 -5.00 7.30
CA VAL B 141 -16.47 -5.42 7.66
C VAL B 141 -16.56 -6.40 8.82
N ILE B 142 -15.92 -7.56 8.66
CA ILE B 142 -15.96 -8.63 9.64
C ILE B 142 -14.52 -8.88 10.08
N LEU B 143 -14.16 -8.37 11.25
CA LEU B 143 -12.82 -8.55 11.79
C LEU B 143 -12.85 -9.60 12.88
N PRO B 144 -11.87 -10.51 12.88
CA PRO B 144 -11.85 -11.57 13.91
C PRO B 144 -11.85 -10.99 15.31
N GLU B 145 -11.15 -9.88 15.52
CA GLU B 145 -11.09 -9.28 16.85
C GLU B 145 -12.47 -8.79 17.29
N VAL B 146 -13.30 -8.36 16.35
CA VAL B 146 -14.66 -7.94 16.70
C VAL B 146 -15.51 -9.15 17.02
N MET B 147 -15.36 -10.23 16.26
CA MET B 147 -16.04 -11.48 16.59
C MET B 147 -15.67 -11.93 17.99
N GLU B 148 -14.38 -11.83 18.34
CA GLU B 148 -13.95 -12.22 19.68
C GLU B 148 -14.52 -11.28 20.72
N ALA B 149 -14.55 -9.98 20.41
CA ALA B 149 -15.16 -9.02 21.33
C ALA B 149 -16.59 -9.40 21.66
N ILE B 150 -17.35 -9.86 20.66
CA ILE B 150 -18.71 -10.33 20.94
C ILE B 150 -18.67 -11.54 21.85
N GLN B 151 -17.82 -12.51 21.53
CA GLN B 151 -17.77 -13.73 22.33
C GLN B 151 -17.41 -13.42 23.79
N LYS B 152 -16.54 -12.44 24.02
CA LYS B 152 -16.09 -12.08 25.36
C LYS B 152 -17.05 -11.12 26.07
N GLY B 153 -18.10 -10.66 25.41
CA GLY B 153 -19.02 -9.72 26.04
C GLY B 153 -18.57 -8.28 26.05
N ARG B 154 -17.56 -7.91 25.26
CA ARG B 154 -17.22 -6.51 25.13
C ARG B 154 -18.16 -5.80 24.16
N LEU B 155 -18.64 -6.50 23.14
CA LEU B 155 -19.58 -5.97 22.17
C LEU B 155 -20.83 -6.83 22.14
N HIS B 156 -21.96 -6.19 21.82
CA HIS B 156 -23.24 -6.89 21.74
C HIS B 156 -23.92 -6.51 20.42
N PRO B 157 -24.20 -7.46 19.54
CA PRO B 157 -24.87 -7.12 18.28
C PRO B 157 -26.16 -6.39 18.55
N ASP B 158 -26.44 -5.39 17.71
CA ASP B 158 -27.67 -4.63 17.80
C ASP B 158 -28.54 -4.78 16.57
N GLY B 159 -28.02 -5.35 15.48
CA GLY B 159 -28.77 -5.53 14.27
C GLY B 159 -28.68 -4.39 13.28
N ARG B 160 -28.16 -3.24 13.70
CA ARG B 160 -28.07 -2.07 12.83
C ARG B 160 -26.64 -1.64 12.57
N PHE B 161 -25.83 -1.48 13.62
CA PHE B 161 -24.42 -1.16 13.47
C PHE B 161 -23.54 -2.40 13.50
N LEU B 162 -23.91 -3.39 14.31
CA LEU B 162 -23.17 -4.62 14.49
C LEU B 162 -24.14 -5.78 14.39
N LEU B 163 -23.85 -6.73 13.50
CA LEU B 163 -24.69 -7.90 13.33
C LEU B 163 -24.17 -9.06 14.16
N PRO B 164 -25.00 -10.05 14.45
CA PRO B 164 -24.54 -11.20 15.25
C PRO B 164 -23.37 -11.93 14.62
N SER B 165 -23.22 -11.86 13.29
CA SER B 165 -22.10 -12.44 12.59
C SER B 165 -20.77 -11.76 12.90
N GLY B 166 -20.80 -10.62 13.60
CA GLY B 166 -19.62 -9.80 13.77
C GLY B 166 -19.47 -8.71 12.74
N ALA B 167 -20.30 -8.70 11.70
CA ALA B 167 -20.19 -7.68 10.66
C ALA B 167 -20.59 -6.32 11.22
N ALA B 168 -19.76 -5.31 10.92
CA ALA B 168 -20.06 -3.92 11.24
C ALA B 168 -20.38 -3.21 9.93
N LEU B 169 -21.48 -2.46 9.92
CA LEU B 169 -21.86 -1.71 8.73
C LEU B 169 -21.09 -0.40 8.71
N VAL B 170 -20.43 -0.12 7.59
CA VAL B 170 -19.61 1.09 7.48
C VAL B 170 -19.88 1.77 6.16
N THR B 171 -19.62 3.08 6.16
CA THR B 171 -19.35 3.83 4.94
C THR B 171 -17.83 3.93 4.81
N LYS B 172 -17.31 3.70 3.60
CA LYS B 172 -15.88 3.87 3.42
C LYS B 172 -15.60 4.76 2.21
N ALA B 173 -14.60 5.62 2.36
CA ALA B 173 -14.21 6.55 1.30
C ALA B 173 -12.74 6.39 1.02
N ALA B 174 -12.41 6.13 -0.24
CA ALA B 174 -11.02 6.11 -0.70
C ALA B 174 -10.66 7.49 -1.21
N ILE B 175 -9.54 8.03 -0.73
CA ILE B 175 -9.14 9.41 -1.05
C ILE B 175 -7.74 9.37 -1.64
N GLU B 176 -7.60 9.81 -2.87
CA GLU B 176 -6.28 9.85 -3.46
C GLU B 176 -5.68 11.25 -3.34
N PRO B 177 -4.36 11.39 -3.33
CA PRO B 177 -3.74 12.68 -2.98
C PRO B 177 -3.83 13.70 -4.10
N VAL B 178 -4.16 14.94 -3.73
CA VAL B 178 -4.16 16.07 -4.63
C VAL B 178 -3.55 17.23 -3.85
N TRP B 179 -2.37 17.67 -4.23
CA TRP B 179 -1.60 18.63 -3.45
C TRP B 179 -1.69 20.01 -4.07
N HIS B 180 -2.10 21.00 -3.28
CA HIS B 180 -1.94 22.39 -3.68
C HIS B 180 -0.58 22.84 -3.19
N LEU B 181 0.38 22.95 -4.12
CA LEU B 181 1.76 23.16 -3.72
C LEU B 181 1.99 24.42 -2.89
N PRO B 182 1.38 25.57 -3.20
CA PRO B 182 1.57 26.72 -2.29
C PRO B 182 1.10 26.42 -0.88
N GLY B 183 -0.03 25.72 -0.74
CA GLY B 183 -0.52 25.39 0.59
C GLY B 183 0.32 24.36 1.29
N VAL B 184 0.82 23.35 0.55
CA VAL B 184 1.70 22.36 1.17
C VAL B 184 2.95 23.04 1.69
N ALA B 185 3.52 23.95 0.88
CA ALA B 185 4.71 24.68 1.30
C ALA B 185 4.47 25.43 2.62
N GLU B 186 3.35 26.16 2.72
CA GLU B 186 3.03 26.84 3.98
C GLU B 186 2.96 25.87 5.13
N ARG B 187 2.31 24.73 4.91
CA ARG B 187 2.16 23.73 5.97
C ARG B 187 3.52 23.32 6.53
N PHE B 188 4.56 23.38 5.72
CA PHE B 188 5.91 22.99 6.12
C PHE B 188 6.82 24.18 6.35
N HIS B 189 6.29 25.41 6.32
CA HIS B 189 7.05 26.59 6.63
C HIS B 189 8.28 26.75 5.74
N CYS B 190 8.11 26.45 4.45
CA CYS B 190 9.16 26.72 3.49
C CYS B 190 8.53 27.35 2.26
N SER B 191 9.36 27.96 1.43
CA SER B 191 8.84 28.60 0.24
C SER B 191 8.37 27.56 -0.77
N GLU B 192 7.37 27.92 -1.56
CA GLU B 192 6.90 27.04 -2.61
C GLU B 192 8.02 26.73 -3.60
N THR B 193 8.84 27.73 -3.92
CA THR B 193 9.94 27.49 -4.84
C THR B 193 10.90 26.44 -4.30
N ASP B 194 11.23 26.52 -3.00
CA ASP B 194 12.11 25.52 -2.41
C ASP B 194 11.45 24.16 -2.34
N LEU B 195 10.18 24.10 -1.92
CA LEU B 195 9.50 22.81 -1.89
C LEU B 195 9.55 22.15 -3.25
N ARG B 196 9.25 22.91 -4.31
CA ARG B 196 9.17 22.31 -5.63
C ARG B 196 10.54 21.90 -6.14
N ARG B 197 11.58 22.70 -5.87
CA ARG B 197 12.92 22.30 -6.29
C ARG B 197 13.35 21.03 -5.58
N VAL B 198 13.05 20.91 -4.28
CA VAL B 198 13.50 19.73 -3.53
C VAL B 198 12.71 18.50 -3.96
N LEU B 199 11.40 18.65 -4.18
CA LEU B 199 10.65 17.51 -4.73
C LEU B 199 11.31 17.02 -6.01
N PHE B 200 11.66 17.96 -6.89
CA PHE B 200 12.30 17.58 -8.14
C PHE B 200 13.65 16.90 -7.90
N GLU B 201 14.48 17.48 -7.06
CA GLU B 201 15.83 16.96 -6.88
C GLU B 201 15.82 15.60 -6.19
N GLU B 202 15.05 15.47 -5.10
CA GLU B 202 15.15 14.27 -4.28
C GLU B 202 14.42 13.08 -4.87
N THR B 203 13.61 13.27 -5.89
CA THR B 203 13.01 12.15 -6.62
C THR B 203 13.84 11.77 -7.83
N GLY B 204 15.02 12.36 -8.02
CA GLY B 204 15.79 12.07 -9.20
C GLY B 204 15.24 12.73 -10.44
N GLY B 205 14.54 13.84 -10.28
CA GLY B 205 14.02 14.55 -11.43
C GLY B 205 12.64 14.12 -11.85
N MET B 206 11.82 13.66 -10.91
CA MET B 206 10.43 13.40 -11.22
C MET B 206 9.76 14.73 -11.51
N TYR B 207 9.00 14.74 -12.56
CA TYR B 207 8.20 15.87 -13.01
C TYR B 207 8.97 17.20 -13.05
N PRO B 208 9.71 17.46 -14.13
CA PRO B 208 10.37 18.77 -14.26
C PRO B 208 9.41 19.94 -14.20
N GLU B 209 8.13 19.74 -14.49
CA GLU B 209 7.16 20.83 -14.34
C GLU B 209 7.17 21.41 -12.94
N LEU B 210 7.60 20.63 -11.94
CA LEU B 210 7.77 21.19 -10.61
C LEU B 210 8.62 22.46 -10.65
N VAL B 211 9.64 22.49 -11.51
CA VAL B 211 10.51 23.66 -11.61
C VAL B 211 10.32 24.44 -12.92
N THR B 212 9.72 23.86 -13.96
CA THR B 212 9.56 24.59 -15.22
C THR B 212 8.17 25.18 -15.42
N ARG B 213 7.18 24.79 -14.61
CA ARG B 213 5.79 25.28 -14.78
C ARG B 213 5.29 25.85 -13.45
N SER B 214 5.84 26.99 -13.03
CA SER B 214 5.37 27.59 -11.79
C SER B 214 3.91 28.00 -11.85
N ASP B 215 3.34 28.13 -13.05
CA ASP B 215 1.91 28.44 -13.18
C ASP B 215 1.02 27.28 -12.78
N LEU B 216 1.53 26.04 -12.80
CA LEU B 216 0.76 24.89 -12.33
C LEU B 216 0.91 24.79 -10.83
N GLU B 217 -0.19 24.94 -10.10
CA GLU B 217 -0.15 24.95 -8.65
C GLU B 217 -0.45 23.60 -8.04
N VAL B 218 -1.07 22.69 -8.77
CA VAL B 218 -1.59 21.45 -8.21
C VAL B 218 -0.75 20.28 -8.72
N PHE B 219 -0.44 19.35 -7.81
CA PHE B 219 0.43 18.20 -8.06
C PHE B 219 -0.30 16.95 -7.60
N LEU B 220 -0.39 15.96 -8.49
CA LEU B 220 -0.94 14.66 -8.14
C LEU B 220 0.21 13.70 -7.96
N PRO B 221 0.67 13.48 -6.73
CA PRO B 221 1.89 12.68 -6.53
C PRO B 221 1.60 11.19 -6.69
N PRO B 222 2.59 10.40 -7.07
CA PRO B 222 2.40 8.95 -7.21
C PRO B 222 2.56 8.22 -5.89
N ILE B 223 1.72 8.58 -4.91
CA ILE B 223 1.78 8.01 -3.58
C ILE B 223 0.39 7.48 -3.24
N GLY B 224 0.35 6.62 -2.22
CA GLY B 224 -0.92 6.13 -1.75
C GLY B 224 -1.69 7.20 -1.01
N GLY B 225 -3.00 7.02 -0.96
CA GLY B 225 -3.83 7.98 -0.28
C GLY B 225 -4.23 7.47 1.08
N GLN B 226 -5.52 7.48 1.34
CA GLN B 226 -6.02 6.93 2.59
C GLN B 226 -7.43 6.43 2.36
N THR B 227 -7.93 5.67 3.31
CA THR B 227 -9.30 5.18 3.30
C THR B 227 -9.92 5.52 4.65
N VAL B 228 -11.10 6.12 4.65
CA VAL B 228 -11.80 6.44 5.88
C VAL B 228 -12.96 5.46 6.06
N TYR B 229 -13.09 4.92 7.26
CA TYR B 229 -14.16 4.01 7.64
C TYR B 229 -15.03 4.75 8.64
N ILE B 230 -16.32 4.92 8.31
CA ILE B 230 -17.24 5.69 9.12
C ILE B 230 -18.28 4.75 9.72
N PHE B 231 -18.42 4.78 11.04
CA PHE B 231 -19.36 3.97 11.79
C PHE B 231 -20.49 4.89 12.22
N GLY B 232 -21.68 4.72 11.64
CA GLY B 232 -22.74 5.68 11.85
C GLY B 232 -22.94 6.57 10.64
N ASP B 233 -23.44 7.79 10.85
CA ASP B 233 -23.85 8.69 9.78
C ASP B 233 -22.75 9.69 9.51
N ALA B 234 -22.22 9.68 8.29
CA ALA B 234 -21.16 10.62 7.93
C ALA B 234 -21.53 12.06 8.25
N ARG B 235 -22.81 12.44 8.11
CA ARG B 235 -23.17 13.84 8.38
C ARG B 235 -22.90 14.22 9.83
N ASP B 236 -22.96 13.24 10.75
CA ASP B 236 -22.73 13.54 12.16
C ASP B 236 -21.29 13.94 12.43
N LEU B 237 -20.36 13.62 11.53
CA LEU B 237 -18.97 14.05 11.72
C LEU B 237 -18.86 15.56 11.77
N ALA B 238 -19.79 16.27 11.15
CA ALA B 238 -19.77 17.72 11.11
C ALA B 238 -20.58 18.35 12.23
N ASP B 239 -21.04 17.54 13.18
CA ASP B 239 -21.88 17.98 14.30
C ASP B 239 -21.16 17.69 15.61
N PRO B 240 -20.50 18.68 16.23
CA PRO B 240 -19.77 18.39 17.47
C PRO B 240 -20.66 18.00 18.62
N GLY B 241 -21.98 18.08 18.47
CA GLY B 241 -22.87 17.57 19.49
C GLY B 241 -23.04 16.07 19.49
N VAL B 242 -22.52 15.39 18.47
CA VAL B 242 -22.53 13.93 18.38
C VAL B 242 -21.15 13.42 18.76
N GLU B 243 -21.09 12.52 19.74
CA GLU B 243 -19.81 12.04 20.23
C GLU B 243 -19.06 11.29 19.14
N LEU B 244 -17.86 11.78 18.81
CA LEU B 244 -17.02 11.18 17.78
C LEU B 244 -15.86 10.43 18.42
N THR B 245 -15.73 9.16 18.07
CA THR B 245 -14.57 8.34 18.40
C THR B 245 -13.77 8.19 17.12
N ALA B 246 -12.46 8.45 17.18
CA ALA B 246 -11.68 8.49 15.95
C ALA B 246 -10.26 7.99 16.17
N ARG B 247 -9.69 7.36 15.13
CA ARG B 247 -8.28 7.03 15.06
C ARG B 247 -7.78 7.29 13.65
N VAL B 248 -6.61 7.92 13.54
CA VAL B 248 -5.87 7.95 12.28
C VAL B 248 -4.74 6.93 12.40
N HIS B 249 -4.79 5.91 11.56
CA HIS B 249 -3.87 4.78 11.59
C HIS B 249 -2.97 4.85 10.36
N ASP B 250 -1.64 4.76 10.56
CA ASP B 250 -0.72 4.71 9.45
C ASP B 250 -0.36 3.26 9.10
N GLU B 251 -0.39 2.95 7.81
CA GLU B 251 -0.22 1.57 7.33
C GLU B 251 1.01 0.88 7.93
N CYS B 252 0.79 -0.35 8.39
CA CYS B 252 1.86 -1.28 8.76
C CYS B 252 1.44 -2.65 8.24
N ASN B 253 1.91 -3.03 7.04
CA ASN B 253 1.43 -4.26 6.44
C ASN B 253 1.75 -5.48 7.30
N GLY B 254 2.97 -5.52 7.86
CA GLY B 254 3.43 -6.69 8.60
C GLY B 254 2.64 -6.98 9.86
N SER B 255 1.91 -6.00 10.37
CA SER B 255 0.99 -6.20 11.49
C SER B 255 -0.46 -6.11 11.05
N ASP B 256 -0.85 -5.02 10.38
CA ASP B 256 -2.24 -4.82 9.96
C ASP B 256 -2.76 -6.01 9.19
N VAL B 257 -1.96 -6.61 8.33
CA VAL B 257 -2.33 -7.86 7.67
C VAL B 257 -1.76 -9.07 8.40
N PHE B 258 -0.44 -9.11 8.61
CA PHE B 258 0.22 -10.36 8.97
C PHE B 258 0.42 -10.57 10.46
N GLY B 259 0.07 -9.60 11.32
CA GLY B 259 0.08 -9.83 12.75
C GLY B 259 1.45 -10.08 13.38
N SER B 260 2.51 -9.47 12.86
CA SER B 260 3.81 -9.60 13.52
C SER B 260 3.73 -9.06 14.94
N ASP B 261 4.32 -9.80 15.89
CA ASP B 261 4.23 -9.41 17.29
C ASP B 261 5.32 -8.43 17.71
N ILE B 262 6.00 -7.79 16.76
CA ILE B 262 6.99 -6.78 17.10
C ILE B 262 6.40 -5.39 17.31
N CYS B 263 5.13 -5.18 16.97
CA CYS B 263 4.62 -3.81 17.05
C CYS B 263 3.15 -3.84 17.46
N THR B 264 2.62 -2.64 17.75
CA THR B 264 1.30 -2.46 18.34
C THR B 264 0.21 -2.18 17.30
N CYS B 265 0.52 -2.24 16.00
CA CYS B 265 -0.32 -1.59 15.00
C CYS B 265 -1.70 -2.24 14.89
N ARG B 266 -1.78 -3.51 14.48
CA ARG B 266 -3.11 -4.07 14.33
C ARG B 266 -3.88 -4.07 15.65
N PRO B 267 -3.27 -4.37 16.79
CA PRO B 267 -4.02 -4.24 18.06
C PRO B 267 -4.64 -2.86 18.25
N TYR B 268 -3.92 -1.78 17.94
CA TYR B 268 -4.48 -0.45 18.15
C TYR B 268 -5.58 -0.17 17.14
N LEU B 269 -5.37 -0.60 15.91
CA LEU B 269 -6.39 -0.45 14.86
C LEU B 269 -7.68 -1.14 15.26
N THR B 270 -7.60 -2.41 15.67
CA THR B 270 -8.82 -3.14 15.96
C THR B 270 -9.43 -2.72 17.30
N HIS B 271 -8.63 -2.28 18.27
CA HIS B 271 -9.20 -1.67 19.46
C HIS B 271 -10.01 -0.44 19.08
N ALA B 272 -9.45 0.39 18.20
CA ALA B 272 -10.18 1.58 17.78
C ALA B 272 -11.46 1.21 17.07
N ILE B 273 -11.44 0.20 16.22
CA ILE B 273 -12.65 -0.23 15.53
C ILE B 273 -13.71 -0.65 16.54
N GLU B 274 -13.32 -1.43 17.54
CA GLU B 274 -14.27 -1.81 18.60
C GLU B 274 -14.86 -0.58 19.26
N GLU B 275 -14.01 0.40 19.58
CA GLU B 275 -14.52 1.58 20.27
C GLU B 275 -15.41 2.41 19.36
N CYS B 276 -15.12 2.43 18.06
CA CYS B 276 -15.98 3.14 17.11
C CYS B 276 -17.35 2.50 16.99
N ILE B 277 -17.39 1.16 16.92
CA ILE B 277 -18.67 0.46 16.86
C ILE B 277 -19.49 0.80 18.09
N GLN B 278 -18.89 0.71 19.28
CA GLN B 278 -19.59 1.05 20.51
C GLN B 278 -20.06 2.49 20.48
N GLY B 279 -19.22 3.41 19.99
CA GLY B 279 -19.63 4.80 19.94
C GLY B 279 -20.86 5.01 19.08
N ALA B 280 -20.89 4.36 17.91
CA ALA B 280 -22.05 4.45 17.05
C ALA B 280 -23.27 3.81 17.70
N GLN B 281 -23.09 2.66 18.36
CA GLN B 281 -24.22 2.00 18.98
C GLN B 281 -24.88 2.87 20.05
N ARG B 282 -24.08 3.67 20.75
CA ARG B 282 -24.60 4.55 21.80
C ARG B 282 -25.23 5.83 21.27
N GLY B 283 -25.27 6.00 19.95
CA GLY B 283 -25.84 7.20 19.36
C GLY B 283 -24.82 8.19 18.84
N GLY B 284 -23.55 7.84 18.84
CA GLY B 284 -22.49 8.70 18.35
C GLY B 284 -22.07 8.36 16.94
N VAL B 285 -20.80 8.61 16.64
CA VAL B 285 -20.25 8.33 15.32
C VAL B 285 -18.78 7.96 15.51
N GLY B 286 -18.29 7.10 14.63
CA GLY B 286 -16.91 6.64 14.70
C GLY B 286 -16.21 6.79 13.37
N LEU B 287 -14.90 6.96 13.44
CA LEU B 287 -14.09 7.21 12.27
C LEU B 287 -12.72 6.56 12.43
N VAL B 288 -12.31 5.75 11.44
CA VAL B 288 -10.94 5.27 11.35
C VAL B 288 -10.42 5.67 9.97
N ALA B 289 -9.32 6.43 9.96
CA ALA B 289 -8.63 6.76 8.72
C ALA B 289 -7.40 5.88 8.60
N TYR B 290 -7.22 5.24 7.45
CA TYR B 290 -6.11 4.32 7.20
C TYR B 290 -5.24 4.93 6.11
N SER B 291 -4.08 5.45 6.51
CA SER B 291 -3.23 6.26 5.65
C SER B 291 -2.04 5.46 5.16
N ARG B 292 -1.73 5.56 3.87
CA ARG B 292 -0.71 4.71 3.25
C ARG B 292 0.67 5.31 3.47
N LYS B 293 1.26 5.04 4.64
CA LYS B 293 2.57 5.57 5.03
C LYS B 293 3.40 4.47 5.70
N GLU B 294 3.62 3.38 4.96
CA GLU B 294 4.34 2.22 5.47
C GLU B 294 5.69 2.61 6.04
N GLY B 295 6.00 2.09 7.24
CA GLY B 295 7.32 2.24 7.80
C GLY B 295 7.70 3.68 8.13
N ARG B 296 6.78 4.44 8.73
CA ARG B 296 7.02 5.85 9.00
C ARG B 296 7.31 6.61 7.72
N ALA B 297 6.69 6.14 6.63
CA ALA B 297 6.87 6.66 5.28
C ALA B 297 8.31 6.53 4.79
N LEU B 298 9.08 5.59 5.37
CA LEU B 298 10.36 5.17 4.84
C LEU B 298 10.24 3.98 3.89
N GLY B 299 9.11 3.29 3.91
CA GLY B 299 8.97 2.07 3.14
C GLY B 299 9.39 0.85 3.93
N GLU B 300 9.05 -0.32 3.40
CA GLU B 300 9.21 -1.55 4.17
C GLU B 300 10.64 -2.07 4.15
N VAL B 301 11.41 -1.81 3.09
CA VAL B 301 12.80 -2.25 3.09
C VAL B 301 13.56 -1.58 4.23
N THR B 302 13.46 -0.25 4.33
CA THR B 302 14.16 0.44 5.42
C THR B 302 13.69 -0.07 6.77
N LYS B 303 12.37 -0.28 6.92
CA LYS B 303 11.81 -0.80 8.15
C LYS B 303 12.47 -2.11 8.58
N PHE B 304 12.64 -3.04 7.62
CA PHE B 304 13.22 -4.34 7.95
C PHE B 304 14.72 -4.23 8.21
N LEU B 305 15.43 -3.37 7.47
CA LEU B 305 16.84 -3.14 7.77
C LEU B 305 17.01 -2.70 9.23
N VAL B 306 16.14 -1.82 9.69
CA VAL B 306 16.22 -1.33 11.06
C VAL B 306 15.92 -2.44 12.06
N TYR B 307 14.93 -3.30 11.77
CA TYR B 307 14.67 -4.42 12.67
C TYR B 307 15.93 -5.26 12.85
N ASN B 308 16.64 -5.53 11.75
CA ASN B 308 17.86 -6.34 11.85
C ASN B 308 18.89 -5.65 12.73
N ALA B 309 19.11 -4.35 12.52
CA ALA B 309 20.09 -3.63 13.33
C ALA B 309 19.68 -3.60 14.80
N ARG B 310 18.38 -3.47 15.07
CA ARG B 310 17.91 -3.49 16.46
C ARG B 310 18.29 -4.80 17.14
N LYS B 311 18.11 -5.92 16.44
CA LYS B 311 18.32 -7.22 17.06
C LYS B 311 19.80 -7.59 17.16
N ARG B 312 20.66 -7.02 16.33
CA ARG B 312 22.06 -7.40 16.34
C ARG B 312 22.95 -6.46 17.15
N GLN B 313 22.45 -5.30 17.52
CA GLN B 313 23.27 -4.29 18.15
C GLN B 313 23.84 -4.80 19.48
N VAL B 314 25.02 -4.27 19.83
CA VAL B 314 25.62 -4.58 21.11
C VAL B 314 24.65 -4.18 22.21
N GLY B 315 24.45 -5.08 23.17
CA GLY B 315 23.56 -4.82 24.27
C GLY B 315 22.14 -5.27 24.06
N GLY B 316 21.79 -5.72 22.85
CA GLY B 316 20.46 -6.23 22.60
C GLY B 316 19.48 -5.14 22.21
N ASP B 317 18.24 -5.57 21.99
CA ASP B 317 17.16 -4.72 21.51
C ASP B 317 16.51 -4.01 22.69
N THR B 318 16.94 -2.77 22.95
CA THR B 318 16.48 -2.00 24.11
C THR B 318 15.72 -0.76 23.65
N ALA B 319 14.75 -0.34 24.46
CA ALA B 319 13.95 0.82 24.09
C ALA B 319 14.78 2.09 24.00
N ASP B 320 15.85 2.18 24.78
CA ASP B 320 16.68 3.39 24.74
C ASP B 320 17.46 3.53 23.45
N GLN B 321 17.51 2.50 22.62
CA GLN B 321 18.17 2.58 21.32
C GLN B 321 17.20 2.52 20.16
N TYR B 322 15.89 2.38 20.43
CA TYR B 322 14.90 2.14 19.38
C TYR B 322 14.95 3.23 18.31
N PHE B 323 14.89 4.50 18.71
CA PHE B 323 14.87 5.56 17.71
C PHE B 323 16.25 5.72 17.08
N ALA B 324 17.32 5.53 17.85
CA ALA B 324 18.66 5.64 17.30
C ALA B 324 18.85 4.68 16.13
N ARG B 325 18.26 3.49 16.20
CA ARG B 325 18.44 2.51 15.14
C ARG B 325 17.79 2.97 13.85
N THR B 326 16.65 3.65 13.92
CA THR B 326 16.06 4.20 12.70
C THR B 326 16.90 5.36 12.19
N GLU B 327 17.35 6.24 13.09
CA GLU B 327 18.11 7.42 12.66
C GLU B 327 19.37 7.02 11.91
N CYS B 328 20.07 5.96 12.37
CA CYS B 328 21.32 5.59 11.69
C CYS B 328 21.07 5.16 10.25
N VAL B 329 19.96 4.48 9.98
CA VAL B 329 19.69 4.02 8.62
C VAL B 329 19.06 5.13 7.79
N ALA B 330 18.10 5.86 8.36
CA ALA B 330 17.25 6.74 7.59
C ALA B 330 17.59 8.23 7.71
N GLY B 331 18.40 8.62 8.70
CA GLY B 331 18.76 10.01 8.86
C GLY B 331 17.75 10.83 9.60
N VAL B 332 16.56 10.29 9.85
CA VAL B 332 15.49 10.91 10.63
C VAL B 332 14.79 9.79 11.37
N GLN B 333 13.94 10.16 12.32
CA GLN B 333 13.16 9.13 13.01
C GLN B 333 11.88 8.77 12.28
N ASP B 334 11.32 9.70 11.52
CA ASP B 334 9.96 9.53 11.03
C ASP B 334 9.77 10.52 9.89
N MET B 335 9.20 10.08 8.76
CA MET B 335 8.92 11.00 7.65
C MET B 335 7.43 11.07 7.30
N ARG B 336 6.56 10.81 8.26
CA ARG B 336 5.14 10.77 7.94
C ARG B 336 4.51 12.14 7.80
N PHE B 337 5.11 13.16 8.42
CA PHE B 337 4.64 14.55 8.37
C PHE B 337 3.12 14.63 8.61
N GLN B 338 2.79 14.38 9.88
CA GLN B 338 1.41 14.49 10.33
C GLN B 338 0.83 15.89 10.14
N GLU B 339 1.64 16.87 9.73
CA GLU B 339 1.13 18.21 9.45
C GLU B 339 0.06 18.20 8.36
N MET B 340 0.06 17.21 7.46
CA MET B 340 -0.98 17.12 6.43
C MET B 340 -2.09 16.15 6.82
N MET B 341 -1.91 15.38 7.89
CA MET B 341 -2.85 14.34 8.24
C MET B 341 -4.26 14.86 8.57
N PRO B 342 -4.45 16.00 9.22
CA PRO B 342 -5.83 16.41 9.58
C PRO B 342 -6.68 16.88 8.40
N ASP B 343 -6.11 17.00 7.19
CA ASP B 343 -6.93 17.52 6.08
C ASP B 343 -8.20 16.68 5.88
N VAL B 344 -8.10 15.36 5.99
CA VAL B 344 -9.28 14.53 5.80
C VAL B 344 -10.33 14.80 6.86
N LEU B 345 -9.89 15.15 8.08
CA LEU B 345 -10.84 15.45 9.14
C LEU B 345 -11.61 16.73 8.82
N HIS B 346 -10.90 17.74 8.32
CA HIS B 346 -11.57 18.96 7.90
C HIS B 346 -12.48 18.72 6.72
N TRP B 347 -12.06 17.85 5.79
CA TRP B 347 -12.92 17.49 4.67
C TRP B 347 -14.24 16.92 5.14
N LEU B 348 -14.20 16.09 6.19
CA LEU B 348 -15.39 15.51 6.79
C LEU B 348 -16.15 16.46 7.71
N GLY B 349 -15.66 17.68 7.90
CA GLY B 349 -16.33 18.63 8.75
C GLY B 349 -16.05 18.49 10.24
N VAL B 350 -15.06 17.69 10.63
CA VAL B 350 -14.79 17.42 12.03
C VAL B 350 -14.20 18.65 12.71
N ARG B 351 -14.84 19.09 13.79
CA ARG B 351 -14.34 20.19 14.61
C ARG B 351 -13.99 19.74 16.01
N LYS B 352 -14.33 18.51 16.38
CA LYS B 352 -14.15 18.05 17.75
C LYS B 352 -14.03 16.53 17.72
N ILE B 353 -13.04 15.99 18.43
CA ILE B 353 -12.90 14.55 18.59
C ILE B 353 -13.07 14.26 20.07
N HIS B 354 -14.19 13.63 20.43
CA HIS B 354 -14.48 13.39 21.85
C HIS B 354 -13.59 12.29 22.41
N ARG B 355 -13.28 11.27 21.61
CA ARG B 355 -12.42 10.16 22.04
C ARG B 355 -11.42 9.89 20.92
N LEU B 356 -10.16 10.25 21.16
CA LEU B 356 -9.09 10.05 20.19
C LEU B 356 -8.33 8.79 20.57
N VAL B 357 -8.46 7.75 19.76
CA VAL B 357 -7.90 6.42 20.08
C VAL B 357 -6.53 6.36 19.45
N SER B 358 -5.54 6.96 20.14
CA SER B 358 -4.22 7.23 19.62
C SER B 358 -3.41 7.80 20.77
N MET B 359 -2.09 7.68 20.68
CA MET B 359 -1.20 8.26 21.68
C MET B 359 -0.20 9.28 21.10
N SER B 360 0.19 9.13 19.85
CA SER B 360 1.23 9.96 19.24
C SER B 360 1.06 11.44 19.56
N ASN B 361 2.13 12.06 20.07
CA ASN B 361 2.08 13.51 20.26
C ASN B 361 2.13 14.22 18.91
N MET B 362 2.77 13.61 17.91
CA MET B 362 2.82 14.26 16.59
C MET B 362 1.44 14.34 15.97
N LYS B 363 0.66 13.27 16.05
CA LYS B 363 -0.71 13.32 15.54
C LYS B 363 -1.57 14.26 16.37
N TYR B 364 -1.45 14.19 17.70
CA TYR B 364 -2.26 15.06 18.56
C TYR B 364 -1.95 16.52 18.31
N ASP B 365 -0.66 16.87 18.21
CA ASP B 365 -0.29 18.26 17.97
C ASP B 365 -0.84 18.75 16.64
N ALA B 366 -0.78 17.91 15.60
CA ALA B 366 -1.28 18.34 14.29
C ALA B 366 -2.78 18.55 14.32
N ILE B 367 -3.52 17.61 14.94
CA ILE B 367 -4.97 17.71 14.98
C ILE B 367 -5.40 18.96 15.73
N THR B 368 -4.90 19.12 16.97
CA THR B 368 -5.32 20.28 17.76
C THR B 368 -4.79 21.57 17.16
N GLY B 369 -3.56 21.54 16.61
CA GLY B 369 -3.01 22.73 15.99
C GLY B 369 -3.80 23.20 14.78
N SER B 370 -4.52 22.29 14.13
CA SER B 370 -5.34 22.63 12.97
C SER B 370 -6.75 23.08 13.36
N GLY B 371 -7.05 23.21 14.65
CA GLY B 371 -8.34 23.72 15.07
C GLY B 371 -9.34 22.69 15.52
N ILE B 372 -8.95 21.43 15.64
CA ILE B 372 -9.86 20.37 16.06
C ILE B 372 -9.64 20.12 17.55
N GLU B 373 -10.69 20.29 18.34
CA GLU B 373 -10.59 20.03 19.77
C GLU B 373 -10.54 18.53 20.03
N VAL B 374 -9.66 18.12 20.96
CA VAL B 374 -9.57 16.74 21.40
C VAL B 374 -9.92 16.69 22.89
N VAL B 375 -10.88 15.84 23.26
CA VAL B 375 -11.30 15.77 24.66
C VAL B 375 -10.59 14.64 25.41
N GLU B 376 -10.96 13.40 25.15
CA GLU B 376 -10.39 12.23 25.81
C GLU B 376 -9.39 11.56 24.89
N ARG B 377 -8.20 11.27 25.42
CA ARG B 377 -7.17 10.52 24.71
C ARG B 377 -7.20 9.08 25.23
N VAL B 378 -7.36 8.13 24.32
CA VAL B 378 -7.57 6.73 24.67
C VAL B 378 -6.30 5.97 24.29
N ASP B 379 -5.50 5.65 25.30
CA ASP B 379 -4.26 4.92 25.09
C ASP B 379 -4.55 3.43 24.84
N LEU B 380 -3.54 2.75 24.29
CA LEU B 380 -3.68 1.32 24.00
C LEU B 380 -3.59 0.51 25.29
N PRO B 381 -4.62 -0.27 25.65
CA PRO B 381 -4.56 -1.05 26.89
C PRO B 381 -3.34 -1.96 26.93
N ALA B 382 -2.73 -2.04 28.11
CA ALA B 382 -1.48 -2.79 28.25
C ALA B 382 -1.63 -4.25 27.84
N ASP B 383 -2.80 -4.85 28.08
CA ASP B 383 -2.98 -6.26 27.75
C ASP B 383 -3.01 -6.51 26.25
N LEU B 384 -3.08 -5.45 25.43
CA LEU B 384 -3.10 -5.61 23.98
C LEU B 384 -1.72 -5.46 23.34
N ILE B 385 -0.69 -5.13 24.11
CA ILE B 385 0.67 -4.99 23.58
C ILE B 385 1.21 -6.37 23.22
N PRO B 386 1.56 -6.64 21.96
CA PRO B 386 2.06 -7.97 21.60
C PRO B 386 3.41 -8.28 22.24
N ALA B 387 3.77 -9.55 22.15
CA ALA B 387 4.86 -10.10 22.96
C ALA B 387 6.22 -9.45 22.70
N ASP B 388 6.47 -8.96 21.48
CA ASP B 388 7.76 -8.32 21.22
C ASP B 388 7.59 -6.85 20.89
N ALA B 389 6.50 -6.23 21.34
CA ALA B 389 6.21 -4.84 21.04
C ALA B 389 6.50 -3.92 22.22
N ARG B 390 7.10 -4.46 23.28
CA ARG B 390 7.38 -3.66 24.46
C ARG B 390 8.44 -2.60 24.19
N VAL B 391 9.46 -2.94 23.40
CA VAL B 391 10.50 -1.97 23.07
C VAL B 391 9.87 -0.76 22.38
N GLU B 392 9.03 -1.02 21.38
CA GLU B 392 8.39 0.05 20.63
C GLU B 392 7.55 0.96 21.54
N ILE B 393 6.63 0.38 22.30
CA ILE B 393 5.69 1.22 23.02
C ILE B 393 6.39 1.96 24.17
N ASP B 394 7.36 1.32 24.82
CA ASP B 394 8.11 2.03 25.86
C ASP B 394 8.90 3.19 25.28
N ALA B 395 9.55 2.98 24.12
CA ALA B 395 10.30 4.06 23.50
C ALA B 395 9.39 5.21 23.13
N LYS B 396 8.20 4.91 22.61
CA LYS B 396 7.26 5.97 22.21
C LYS B 396 6.77 6.75 23.41
N MET B 397 6.45 6.07 24.51
CA MET B 397 6.01 6.80 25.69
C MET B 397 7.12 7.68 26.24
N ALA B 398 8.36 7.16 26.26
CA ALA B 398 9.49 7.98 26.71
C ALA B 398 9.71 9.17 25.80
N ALA B 399 9.34 9.06 24.52
CA ALA B 399 9.51 10.12 23.54
C ALA B 399 8.40 11.15 23.56
N GLY B 400 7.39 10.99 24.41
CA GLY B 400 6.33 11.97 24.54
C GLY B 400 4.96 11.53 24.08
N TYR B 401 4.80 10.28 23.65
CA TYR B 401 3.45 9.80 23.34
C TYR B 401 2.60 9.81 24.60
N PHE B 402 1.31 10.05 24.44
CA PHE B 402 0.39 10.11 25.57
C PHE B 402 0.33 8.79 26.31
N THR B 403 0.35 8.86 27.65
CA THR B 403 0.02 7.72 28.48
C THR B 403 -0.62 8.30 29.73
N PRO B 404 -1.65 7.65 30.28
CA PRO B 404 -2.29 8.22 31.48
C PRO B 404 -1.41 8.16 32.72
N GLY B 405 -0.48 7.20 32.79
CA GLY B 405 0.34 7.00 33.97
C GLY B 405 1.77 7.46 33.80
N ALA B 406 2.65 6.82 34.55
CA ALA B 406 4.07 7.18 34.55
C ALA B 406 4.73 6.81 33.23
N VAL B 407 5.70 7.62 32.83
CA VAL B 407 6.52 7.36 31.66
C VAL B 407 7.69 6.48 32.08
N PRO B 408 8.09 5.50 31.28
CA PRO B 408 9.24 4.67 31.65
C PRO B 408 10.48 5.53 31.88
N ASP B 409 11.22 5.25 32.97
CA ASP B 409 12.42 6.03 33.24
C ASP B 409 13.63 5.42 32.52
N ALA B 410 14.78 6.06 32.71
CA ALA B 410 15.99 5.62 32.02
C ALA B 410 16.30 4.15 32.31
N ASP B 411 16.18 3.72 33.57
CA ASP B 411 16.50 2.35 33.91
C ASP B 411 15.55 1.37 33.23
N GLU B 412 14.25 1.70 33.19
CA GLU B 412 13.31 0.82 32.52
C GLU B 412 13.62 0.73 31.03
N LEU B 413 13.96 1.86 30.42
CA LEU B 413 14.23 1.87 28.98
C LEU B 413 15.50 1.10 28.64
N ALA B 414 16.41 0.93 29.59
CA ALA B 414 17.64 0.19 29.36
C ALA B 414 17.46 -1.33 29.45
N LYS B 415 16.32 -1.81 29.94
CA LYS B 415 16.08 -3.26 29.97
C LYS B 415 16.02 -3.84 28.56
N VAL B 416 16.65 -5.01 28.40
CA VAL B 416 16.65 -5.71 27.13
C VAL B 416 15.30 -6.40 26.92
N LYS B 417 14.29 -5.64 26.50
CA LYS B 417 12.96 -6.21 26.36
C LYS B 417 12.70 -6.82 24.99
N GLY B 418 13.61 -6.64 24.03
CA GLY B 418 13.39 -7.17 22.70
C GLY B 418 13.88 -8.61 22.58
N ARG B 419 13.09 -9.43 21.90
CA ARG B 419 13.44 -10.82 21.69
C ARG B 419 14.65 -10.93 20.79
N GLU B 420 15.46 -11.95 21.03
CA GLU B 420 16.61 -12.14 20.17
C GLU B 420 16.15 -12.60 18.80
N LEU B 421 17.03 -12.41 17.82
CA LEU B 421 16.78 -12.89 16.48
C LEU B 421 16.81 -14.41 16.47
N ASP B 422 16.20 -15.00 15.43
CA ASP B 422 16.07 -16.45 15.34
C ASP B 422 15.61 -17.06 16.67
ZN ZN C . -10.56 -8.24 -1.99
P1 DPO D . -6.96 -13.29 -7.87
O1 DPO D . -5.88 -12.51 -7.16
O2 DPO D . -7.12 -12.82 -9.30
O3 DPO D . -8.29 -13.27 -7.16
O4 DPO D . -6.44 -14.84 -8.00
P2 DPO D . -6.42 -16.00 -6.84
O5 DPO D . -4.97 -16.33 -6.59
O6 DPO D . -7.17 -17.19 -7.40
O7 DPO D . -7.05 -15.48 -5.58
N GLY E . 14.41 -15.39 19.02
CA GLY E . 13.77 -16.68 19.27
C GLY E . 12.56 -16.93 18.39
O GLY E . 12.61 -16.72 17.17
ZN ZN F . 3.51 -2.06 12.98
P1 DPO G . 1.90 5.88 15.77
O1 DPO G . 2.33 4.58 16.42
O2 DPO G . 1.29 5.63 14.41
O3 DPO G . 3.04 6.88 15.68
O4 DPO G . 0.81 6.65 16.71
P2 DPO G . -0.46 6.02 17.50
O5 DPO G . -0.52 4.51 17.31
O6 DPO G . -0.27 6.40 18.93
O7 DPO G . -1.68 6.71 16.89
#